data_4ONE
#
_entry.id   4ONE
#
_cell.length_a   63.400
_cell.length_b   125.520
_cell.length_c   65.320
_cell.angle_alpha   90.00
_cell.angle_beta   104.69
_cell.angle_gamma   90.00
#
_symmetry.space_group_name_H-M   'P 1 21 1'
#
loop_
_entity.id
_entity.type
_entity.pdbx_description
1 polymer '3-oxoacyl-(Acyl-carrier protein) reductase'
2 non-polymer 'CHLORIDE ION'
3 non-polymer (4S)-2-METHYL-2,4-PENTANEDIOL
4 water water
#
_entity_poly.entity_id   1
_entity_poly.type   'polypeptide(L)'
_entity_poly.pdbx_seq_one_letter_code
;MAHHHHHHMSRQRPVALVTGGRRGIGLGIARALAAKGFDLAITDRESDEAVIHELRGLGGKVAFFKSDLAAVKTHEATVF
AVLDAFGGIDCLVNNAGMGAVERGDFLALKPENFDTIMDVNLRGTVFFTQAVVKAMLAADEVRFPRSIVTISSVSSVMTS
PERLDYCISKAGLTAFVQGLALRLAEARIGVFEVRPGIIRTDMTAKVAARYDALIEGGLVPMKRWGEASDVGAIVAGLAG
GDFIFATGSAIHADGGLSIAKL
;
_entity_poly.pdbx_strand_id   A,B,C,D
#
loop_
_chem_comp.id
_chem_comp.type
_chem_comp.name
_chem_comp.formula
CL non-polymer 'CHLORIDE ION' 'Cl -1'
MPD non-polymer (4S)-2-METHYL-2,4-PENTANEDIOL 'C6 H14 O2'
#
# COMPACT_ATOMS: atom_id res chain seq x y z
N SER A 10 42.52 12.09 -0.49
CA SER A 10 41.31 12.28 0.36
C SER A 10 40.30 13.27 -0.27
N ARG A 11 39.22 12.74 -0.84
CA ARG A 11 38.34 13.57 -1.68
C ARG A 11 37.66 14.71 -0.94
N GLN A 12 37.55 15.84 -1.64
CA GLN A 12 36.98 17.10 -1.11
C GLN A 12 35.58 17.37 -1.64
N ARG A 13 35.10 16.55 -2.58
CA ARG A 13 33.74 16.67 -3.10
C ARG A 13 33.16 15.26 -3.06
N PRO A 14 31.85 15.17 -2.83
CA PRO A 14 31.23 13.86 -2.86
C PRO A 14 31.13 13.35 -4.29
N VAL A 15 31.04 12.02 -4.40
CA VAL A 15 31.05 11.35 -5.65
C VAL A 15 29.72 10.63 -5.88
N ALA A 16 29.06 10.94 -6.98
CA ALA A 16 27.84 10.25 -7.42
C ALA A 16 28.11 9.38 -8.64
N LEU A 17 27.68 8.12 -8.52
CA LEU A 17 27.78 7.17 -9.63
C LEU A 17 26.37 7.08 -10.20
N VAL A 18 26.18 7.56 -11.42
CA VAL A 18 24.85 7.59 -12.06
C VAL A 18 24.87 6.57 -13.20
N THR A 19 24.12 5.49 -13.04
CA THR A 19 24.06 4.53 -14.15
C THR A 19 23.15 4.99 -15.24
N GLY A 20 23.54 4.76 -16.49
CA GLY A 20 22.76 5.29 -17.61
C GLY A 20 22.73 6.79 -17.63
N GLY A 21 23.80 7.41 -17.17
CA GLY A 21 23.82 8.84 -16.96
C GLY A 21 24.11 9.71 -18.20
N ARG A 22 24.27 9.13 -19.38
CA ARG A 22 24.61 9.90 -20.57
C ARG A 22 23.42 10.56 -21.28
N ARG A 23 22.18 10.15 -20.98
CA ARG A 23 21.05 10.64 -21.75
C ARG A 23 19.81 10.60 -20.88
N GLY A 24 18.80 11.37 -21.29
CA GLY A 24 17.47 11.24 -20.69
C GLY A 24 17.46 11.58 -19.21
N ILE A 25 16.66 10.83 -18.46
CA ILE A 25 16.53 11.09 -17.01
C ILE A 25 17.87 11.01 -16.31
N GLY A 26 18.70 10.05 -16.68
CA GLY A 26 20.02 9.93 -16.05
C GLY A 26 20.88 11.18 -16.23
N LEU A 27 20.86 11.76 -17.41
CA LEU A 27 21.57 13.01 -17.68
C LEU A 27 20.99 14.15 -16.87
N GLY A 28 19.67 14.22 -16.76
CA GLY A 28 19.09 15.23 -15.89
C GLY A 28 19.54 15.14 -14.43
N ILE A 29 19.63 13.91 -13.94
CA ILE A 29 20.08 13.61 -12.60
C ILE A 29 21.59 14.02 -12.48
N ALA A 30 22.40 13.61 -13.42
CA ALA A 30 23.81 13.98 -13.44
C ALA A 30 24.02 15.48 -13.43
N ARG A 31 23.30 16.21 -14.27
CA ARG A 31 23.43 17.66 -14.30
C ARG A 31 23.07 18.26 -12.94
N ALA A 32 21.97 17.78 -12.36
CA ALA A 32 21.51 18.35 -11.07
C ALA A 32 22.51 18.07 -9.95
N LEU A 33 23.06 16.88 -9.93
CA LEU A 33 24.04 16.55 -8.93
C LEU A 33 25.33 17.35 -9.11
N ALA A 34 25.77 17.48 -10.37
CA ALA A 34 26.98 18.29 -10.59
C ALA A 34 26.75 19.71 -10.11
N ALA A 35 25.58 20.27 -10.42
CA ALA A 35 25.27 21.64 -10.01
C ALA A 35 25.27 21.78 -8.48
N LYS A 36 24.95 20.71 -7.75
CA LYS A 36 24.96 20.70 -6.30
C LYS A 36 26.35 20.49 -5.68
N GLY A 37 27.34 20.19 -6.52
CA GLY A 37 28.70 20.04 -6.07
C GLY A 37 29.23 18.63 -6.05
N PHE A 38 28.54 17.68 -6.70
CA PHE A 38 29.08 16.32 -6.83
C PHE A 38 30.01 16.15 -7.99
N ASP A 39 31.06 15.36 -7.78
CA ASP A 39 31.79 14.75 -8.87
C ASP A 39 30.95 13.57 -9.42
N LEU A 40 31.18 13.23 -10.68
CA LEU A 40 30.33 12.25 -11.35
C LEU A 40 31.09 11.11 -11.99
N ALA A 41 30.64 9.90 -11.71
CA ALA A 41 31.03 8.71 -12.41
C ALA A 41 29.79 8.24 -13.19
N ILE A 42 29.88 8.29 -14.51
CA ILE A 42 28.78 7.97 -15.38
C ILE A 42 29.02 6.60 -16.02
N THR A 43 28.06 5.69 -15.96
CA THR A 43 28.16 4.45 -16.69
C THR A 43 27.13 4.40 -17.82
N ASP A 44 27.49 3.68 -18.87
CA ASP A 44 26.55 3.36 -19.91
C ASP A 44 27.19 2.30 -20.78
N ARG A 45 26.39 1.54 -21.52
CA ARG A 45 26.98 0.57 -22.45
C ARG A 45 27.63 1.26 -23.65
N GLU A 46 27.16 2.47 -23.99
CA GLU A 46 27.61 3.20 -25.17
C GLU A 46 28.38 4.43 -24.71
N SER A 47 29.50 4.70 -25.35
CA SER A 47 30.28 5.89 -25.02
C SER A 47 29.63 7.15 -25.54
N ASP A 48 29.83 8.26 -24.84
CA ASP A 48 29.42 9.55 -25.36
C ASP A 48 30.32 10.64 -24.77
N GLU A 49 31.50 10.78 -25.33
CA GLU A 49 32.47 11.72 -24.79
C GLU A 49 31.93 13.16 -24.85
N ALA A 50 31.05 13.45 -25.80
CA ALA A 50 30.56 14.83 -25.94
C ALA A 50 29.78 15.24 -24.69
N VAL A 51 28.97 14.33 -24.18
CA VAL A 51 28.17 14.64 -23.00
CA VAL A 51 28.15 14.58 -22.99
C VAL A 51 29.03 14.74 -21.75
N ILE A 52 30.09 13.93 -21.67
CA ILE A 52 31.02 14.00 -20.55
C ILE A 52 31.71 15.37 -20.55
N HIS A 53 32.12 15.81 -21.74
CA HIS A 53 32.76 17.11 -21.91
C HIS A 53 31.80 18.21 -21.48
N GLU A 54 30.57 18.13 -21.93
CA GLU A 54 29.58 19.12 -21.56
C GLU A 54 29.35 19.21 -20.03
N LEU A 55 29.30 18.05 -19.38
CA LEU A 55 29.08 18.00 -17.95
C LEU A 55 30.25 18.65 -17.16
N ARG A 56 31.46 18.59 -17.71
CA ARG A 56 32.60 19.27 -17.11
C ARG A 56 32.43 20.79 -17.03
N GLY A 57 31.54 21.33 -17.84
CA GLY A 57 31.22 22.75 -17.79
C GLY A 57 30.61 23.19 -16.48
N LEU A 58 30.08 22.24 -15.73
CA LEU A 58 29.52 22.55 -14.42
C LEU A 58 30.56 22.63 -13.33
N GLY A 59 31.83 22.37 -13.66
CA GLY A 59 32.94 22.63 -12.76
C GLY A 59 33.49 21.47 -11.94
N GLY A 60 32.86 20.30 -11.99
CA GLY A 60 33.34 19.17 -11.24
C GLY A 60 34.11 18.17 -12.07
N LYS A 61 34.61 17.14 -11.40
CA LYS A 61 35.21 16.04 -12.11
C LYS A 61 34.11 15.14 -12.70
N VAL A 62 34.30 14.71 -13.93
CA VAL A 62 33.39 13.79 -14.60
C VAL A 62 34.21 12.70 -15.27
N ALA A 63 33.84 11.44 -15.01
CA ALA A 63 34.48 10.35 -15.70
C ALA A 63 33.45 9.33 -16.16
N PHE A 64 33.78 8.66 -17.27
CA PHE A 64 32.90 7.65 -17.87
C PHE A 64 33.49 6.23 -17.72
N PHE A 65 32.58 5.28 -17.47
CA PHE A 65 32.90 3.87 -17.30
C PHE A 65 31.96 3.06 -18.16
N LYS A 66 32.52 2.35 -19.13
CA LYS A 66 31.70 1.61 -20.05
C LYS A 66 31.25 0.36 -19.31
N SER A 67 29.95 0.11 -19.26
CA SER A 67 29.37 -0.96 -18.43
C SER A 67 28.02 -1.33 -19.00
N ASP A 68 27.77 -2.64 -19.07
CA ASP A 68 26.46 -3.17 -19.40
C ASP A 68 25.87 -3.61 -18.08
N LEU A 69 24.79 -2.94 -17.64
CA LEU A 69 24.13 -3.25 -16.36
C LEU A 69 23.81 -4.74 -16.21
N ALA A 70 23.46 -5.40 -17.30
CA ALA A 70 23.08 -6.81 -17.20
C ALA A 70 24.25 -7.73 -16.98
N ALA A 71 25.47 -7.27 -17.23
CA ALA A 71 26.67 -8.12 -17.18
C ALA A 71 27.24 -8.10 -15.77
N VAL A 72 26.58 -8.85 -14.92
CA VAL A 72 26.87 -8.81 -13.47
CA VAL A 72 26.86 -8.83 -13.48
C VAL A 72 28.29 -9.26 -13.12
N LYS A 73 28.88 -10.16 -13.92
CA LYS A 73 30.24 -10.60 -13.64
C LYS A 73 31.26 -9.49 -13.81
N THR A 74 30.86 -8.41 -14.48
CA THR A 74 31.74 -7.25 -14.73
C THR A 74 31.59 -6.11 -13.71
N HIS A 75 30.60 -6.20 -12.81
CA HIS A 75 30.35 -5.09 -11.91
C HIS A 75 31.44 -4.78 -10.90
N GLU A 76 32.08 -5.81 -10.35
N GLU A 76 32.08 -5.79 -10.34
CA GLU A 76 33.18 -5.61 -9.38
CA GLU A 76 33.12 -5.52 -9.34
C GLU A 76 34.29 -4.78 -10.02
C GLU A 76 34.31 -4.79 -10.00
N ALA A 77 34.64 -5.12 -11.25
CA ALA A 77 35.67 -4.39 -11.99
C ALA A 77 35.28 -2.93 -12.26
N THR A 78 34.02 -2.70 -12.60
CA THR A 78 33.54 -1.33 -12.82
C THR A 78 33.68 -0.55 -11.53
N VAL A 79 33.21 -1.12 -10.42
CA VAL A 79 33.29 -0.42 -9.13
C VAL A 79 34.76 -0.16 -8.73
N PHE A 80 35.64 -1.15 -8.96
CA PHE A 80 37.06 -0.96 -8.71
C PHE A 80 37.59 0.20 -9.53
N ALA A 81 37.18 0.30 -10.81
CA ALA A 81 37.63 1.42 -11.66
C ALA A 81 37.17 2.76 -11.09
N VAL A 82 35.94 2.80 -10.62
CA VAL A 82 35.38 4.04 -10.07
C VAL A 82 36.17 4.44 -8.80
N LEU A 83 36.48 3.47 -7.96
CA LEU A 83 37.29 3.72 -6.76
C LEU A 83 38.68 4.19 -7.11
N ASP A 84 39.27 3.59 -8.14
CA ASP A 84 40.61 4.00 -8.55
C ASP A 84 40.57 5.46 -9.00
N ALA A 85 39.52 5.88 -9.69
CA ALA A 85 39.42 7.27 -10.18
C ALA A 85 39.04 8.29 -9.09
N PHE A 86 38.23 7.89 -8.13
CA PHE A 86 37.62 8.85 -7.19
C PHE A 86 37.88 8.61 -5.71
N GLY A 87 38.32 7.40 -5.34
CA GLY A 87 38.60 7.07 -3.95
C GLY A 87 37.44 6.52 -3.18
N GLY A 88 36.22 6.84 -3.59
CA GLY A 88 35.05 6.41 -2.86
C GLY A 88 33.81 6.80 -3.63
N ILE A 89 32.68 6.25 -3.21
CA ILE A 89 31.38 6.52 -3.79
C ILE A 89 30.46 6.96 -2.65
N ASP A 90 29.84 8.12 -2.79
CA ASP A 90 28.96 8.65 -1.75
C ASP A 90 27.49 8.47 -2.12
N CYS A 91 27.18 8.54 -3.40
CA CYS A 91 25.79 8.43 -3.87
C CYS A 91 25.75 7.52 -5.05
N LEU A 92 24.92 6.48 -5.00
CA LEU A 92 24.62 5.67 -6.19
C LEU A 92 23.23 6.03 -6.68
N VAL A 93 23.10 6.36 -7.95
CA VAL A 93 21.80 6.49 -8.57
C VAL A 93 21.61 5.35 -9.56
N ASN A 94 20.69 4.43 -9.23
CA ASN A 94 20.37 3.34 -10.11
C ASN A 94 19.32 3.83 -11.08
N ASN A 95 19.77 4.38 -12.20
CA ASN A 95 18.87 4.92 -13.22
C ASN A 95 18.76 4.04 -14.47
N ALA A 96 19.84 3.33 -14.80
CA ALA A 96 19.85 2.56 -16.05
C ALA A 96 18.71 1.55 -16.08
N GLY A 97 18.18 1.35 -17.27
CA GLY A 97 17.03 0.45 -17.41
C GLY A 97 16.52 0.48 -18.82
N MET A 98 15.48 -0.31 -19.09
CA MET A 98 14.90 -0.37 -20.41
C MET A 98 13.39 -0.57 -20.34
N GLY A 99 12.69 -0.19 -21.39
CA GLY A 99 11.26 -0.56 -21.55
C GLY A 99 11.15 -1.98 -22.06
N ALA A 100 9.93 -2.49 -22.06
CA ALA A 100 9.68 -3.83 -22.61
C ALA A 100 10.10 -3.91 -24.07
N VAL A 101 10.65 -5.06 -24.44
CA VAL A 101 11.09 -5.26 -25.83
C VAL A 101 9.91 -5.14 -26.79
N GLU A 102 8.81 -5.77 -26.42
CA GLU A 102 7.60 -5.75 -27.22
C GLU A 102 6.48 -5.49 -26.23
N ARG A 103 5.54 -4.64 -26.63
CA ARG A 103 4.30 -4.47 -25.88
C ARG A 103 3.18 -5.22 -26.61
N GLY A 104 2.21 -5.72 -25.85
CA GLY A 104 1.12 -6.46 -26.42
C GLY A 104 0.49 -7.39 -25.43
N ASP A 105 -0.42 -8.23 -25.93
CA ASP A 105 -1.16 -9.13 -25.05
C ASP A 105 -0.21 -9.97 -24.23
N PHE A 106 -0.50 -10.10 -22.94
CA PHE A 106 0.24 -10.97 -22.07
C PHE A 106 0.30 -12.40 -22.65
N LEU A 107 -0.74 -12.83 -23.34
CA LEU A 107 -0.73 -14.19 -23.92
C LEU A 107 0.39 -14.40 -24.95
N ALA A 108 0.88 -13.31 -25.56
CA ALA A 108 1.97 -13.34 -26.56
C ALA A 108 3.35 -13.06 -25.97
N LEU A 109 3.40 -12.76 -24.68
CA LEU A 109 4.68 -12.44 -24.03
C LEU A 109 5.69 -13.59 -24.17
N LYS A 110 6.88 -13.26 -24.64
CA LYS A 110 7.94 -14.25 -24.83
C LYS A 110 8.88 -14.33 -23.66
N PRO A 111 9.21 -15.56 -23.18
CA PRO A 111 10.18 -15.71 -22.10
C PRO A 111 11.50 -14.98 -22.40
N GLU A 112 11.99 -15.08 -23.63
CA GLU A 112 13.27 -14.40 -23.93
C GLU A 112 13.20 -12.87 -23.71
N ASN A 113 12.03 -12.28 -23.95
CA ASN A 113 11.90 -10.83 -23.75
C ASN A 113 11.72 -10.50 -22.27
N PHE A 114 10.93 -11.31 -21.59
CA PHE A 114 10.89 -11.24 -20.13
C PHE A 114 12.30 -11.31 -19.54
N ASP A 115 13.12 -12.25 -20.02
CA ASP A 115 14.46 -12.41 -19.45
C ASP A 115 15.33 -11.20 -19.73
N THR A 116 15.22 -10.63 -20.92
CA THR A 116 16.06 -9.49 -21.24
C THR A 116 15.79 -8.35 -20.26
N ILE A 117 14.51 -8.04 -20.06
CA ILE A 117 14.20 -6.91 -19.20
C ILE A 117 14.48 -7.21 -17.72
N MET A 118 14.22 -8.43 -17.28
CA MET A 118 14.49 -8.77 -15.91
CA MET A 118 14.52 -8.82 -15.90
C MET A 118 16.01 -8.74 -15.65
N ASP A 119 16.80 -9.22 -16.62
CA ASP A 119 18.24 -9.19 -16.46
C ASP A 119 18.81 -7.79 -16.36
N VAL A 120 18.24 -6.84 -17.08
CA VAL A 120 18.67 -5.44 -17.02
C VAL A 120 18.11 -4.74 -15.80
N ASN A 121 16.78 -4.58 -15.76
CA ASN A 121 16.19 -3.69 -14.79
C ASN A 121 16.31 -4.20 -13.36
N LEU A 122 16.12 -5.49 -13.18
CA LEU A 122 16.03 -6.07 -11.83
C LEU A 122 17.33 -6.74 -11.39
N ARG A 123 17.69 -7.83 -12.05
CA ARG A 123 18.91 -8.58 -11.74
C ARG A 123 20.14 -7.67 -11.84
N GLY A 124 20.27 -6.96 -12.94
CA GLY A 124 21.44 -6.08 -13.10
C GLY A 124 21.54 -5.03 -12.03
N THR A 125 20.43 -4.35 -11.78
CA THR A 125 20.40 -3.32 -10.73
C THR A 125 20.73 -3.86 -9.36
N VAL A 126 20.17 -5.04 -8.99
CA VAL A 126 20.44 -5.63 -7.70
C VAL A 126 21.93 -5.91 -7.51
N PHE A 127 22.55 -6.53 -8.51
CA PHE A 127 23.93 -6.93 -8.32
C PHE A 127 24.91 -5.80 -8.54
N PHE A 128 24.55 -4.81 -9.35
CA PHE A 128 25.37 -3.59 -9.43
C PHE A 128 25.36 -2.90 -8.06
N THR A 129 24.17 -2.78 -7.47
CA THR A 129 24.07 -2.22 -6.13
C THR A 129 24.93 -2.98 -5.12
N GLN A 130 24.87 -4.32 -5.17
CA GLN A 130 25.65 -5.11 -4.26
C GLN A 130 27.14 -4.74 -4.37
N ALA A 131 27.63 -4.61 -5.59
CA ALA A 131 29.07 -4.28 -5.79
C ALA A 131 29.41 -2.93 -5.19
N VAL A 132 28.53 -1.96 -5.44
CA VAL A 132 28.70 -0.61 -4.88
C VAL A 132 28.64 -0.59 -3.35
N VAL A 133 27.68 -1.31 -2.77
CA VAL A 133 27.50 -1.33 -1.34
C VAL A 133 28.72 -1.97 -0.65
N LYS A 134 29.32 -2.99 -1.26
CA LYS A 134 30.56 -3.57 -0.69
C LYS A 134 31.60 -2.46 -0.54
N ALA A 135 31.73 -1.66 -1.57
CA ALA A 135 32.70 -0.52 -1.57
C ALA A 135 32.36 0.47 -0.47
N MET A 136 31.10 0.85 -0.41
CA MET A 136 30.65 1.85 0.56
C MET A 136 30.89 1.39 1.98
N LEU A 137 30.57 0.13 2.27
CA LEU A 137 30.69 -0.37 3.64
C LEU A 137 32.15 -0.55 4.06
N ALA A 138 33.03 -0.62 3.08
CA ALA A 138 34.48 -0.71 3.34
C ALA A 138 35.18 0.68 3.37
N ALA A 139 34.44 1.76 3.23
CA ALA A 139 35.07 3.07 3.15
C ALA A 139 35.75 3.39 4.50
N ASP A 140 36.96 3.91 4.48
CA ASP A 140 37.63 4.25 5.75
C ASP A 140 37.40 5.69 6.17
N GLU A 141 36.75 6.47 5.33
CA GLU A 141 36.39 7.84 5.65
C GLU A 141 34.98 8.08 5.11
N VAL A 142 34.16 8.74 5.92
CA VAL A 142 32.80 9.08 5.52
C VAL A 142 32.61 10.54 5.90
N ARG A 143 32.96 11.42 4.99
CA ARG A 143 32.89 12.86 5.21
C ARG A 143 31.66 13.52 4.59
N PHE A 144 30.92 12.77 3.76
CA PHE A 144 29.78 13.31 3.06
C PHE A 144 28.51 12.49 3.31
N PRO A 145 27.34 13.10 3.15
CA PRO A 145 26.08 12.35 3.15
C PRO A 145 26.13 11.24 2.09
N ARG A 146 25.59 10.06 2.43
CA ARG A 146 25.58 8.97 1.50
C ARG A 146 24.16 8.51 1.23
N SER A 147 23.97 8.06 0.00
CA SER A 147 22.63 7.64 -0.44
C SER A 147 22.69 6.67 -1.60
N ILE A 148 21.63 5.88 -1.68
CA ILE A 148 21.38 5.06 -2.86
C ILE A 148 19.95 5.39 -3.29
N VAL A 149 19.83 5.96 -4.49
CA VAL A 149 18.53 6.37 -5.00
C VAL A 149 18.24 5.52 -6.21
N THR A 150 17.16 4.74 -6.15
CA THR A 150 16.83 3.84 -7.23
C THR A 150 15.64 4.40 -8.00
N ILE A 151 15.79 4.53 -9.30
CA ILE A 151 14.79 5.09 -10.19
C ILE A 151 14.01 3.91 -10.75
N SER A 152 12.80 3.71 -10.27
CA SER A 152 12.00 2.57 -10.68
C SER A 152 11.04 3.09 -11.72
N SER A 153 9.75 3.25 -11.37
CA SER A 153 8.68 3.70 -12.29
C SER A 153 7.40 3.73 -11.53
N VAL A 154 6.46 4.58 -11.94
CA VAL A 154 5.09 4.37 -11.49
C VAL A 154 4.58 2.95 -11.79
N SER A 155 5.17 2.28 -12.77
CA SER A 155 4.76 0.91 -13.08
C SER A 155 5.09 -0.10 -11.95
N SER A 156 5.86 0.33 -10.96
CA SER A 156 6.08 -0.46 -9.76
C SER A 156 4.78 -0.69 -9.01
N VAL A 157 3.88 0.27 -9.11
CA VAL A 157 2.62 0.21 -8.34
C VAL A 157 1.34 0.34 -9.21
N MET A 158 1.47 0.69 -10.49
CA MET A 158 0.34 0.75 -11.42
C MET A 158 0.58 -0.29 -12.47
N THR A 159 -0.42 -1.13 -12.74
CA THR A 159 -0.21 -2.20 -13.72
C THR A 159 -0.61 -1.80 -15.15
N SER A 160 0.13 -2.31 -16.13
CA SER A 160 -0.20 -2.15 -17.52
C SER A 160 -0.14 -3.54 -18.13
N PRO A 161 -1.31 -4.16 -18.38
CA PRO A 161 -1.33 -5.56 -18.87
C PRO A 161 -0.60 -5.84 -20.18
N GLU A 162 -0.36 -4.80 -21.00
CA GLU A 162 0.36 -4.96 -22.27
C GLU A 162 1.87 -4.97 -22.10
N ARG A 163 2.36 -4.78 -20.89
CA ARG A 163 3.79 -4.81 -20.63
C ARG A 163 4.08 -5.27 -19.18
N LEU A 164 3.56 -6.44 -18.82
CA LEU A 164 3.72 -6.95 -17.45
C LEU A 164 5.14 -7.30 -17.10
N ASP A 165 5.97 -7.66 -18.10
CA ASP A 165 7.38 -7.87 -17.84
C ASP A 165 8.02 -6.58 -17.27
N TYR A 166 7.69 -5.43 -17.83
CA TYR A 166 8.20 -4.16 -17.34
C TYR A 166 7.73 -3.92 -15.92
N CYS A 167 6.41 -4.08 -15.72
CA CYS A 167 5.87 -3.82 -14.40
C CYS A 167 6.46 -4.73 -13.33
N ILE A 168 6.54 -6.02 -13.64
CA ILE A 168 7.15 -6.97 -12.70
C ILE A 168 8.58 -6.59 -12.34
N SER A 169 9.36 -6.17 -13.34
CA SER A 169 10.75 -5.84 -13.09
C SER A 169 10.83 -4.65 -12.14
N LYS A 170 9.93 -3.69 -12.31
CA LYS A 170 9.97 -2.47 -11.48
C LYS A 170 9.38 -2.71 -10.09
N ALA A 171 8.37 -3.56 -9.99
CA ALA A 171 7.85 -3.98 -8.69
C ALA A 171 8.92 -4.72 -7.86
N GLY A 172 9.75 -5.50 -8.54
CA GLY A 172 10.84 -6.16 -7.88
C GLY A 172 11.80 -5.18 -7.25
N LEU A 173 12.08 -4.08 -7.94
CA LEU A 173 12.94 -3.04 -7.43
C LEU A 173 12.35 -2.39 -6.20
N THR A 174 11.04 -2.20 -6.20
CA THR A 174 10.37 -1.64 -4.99
C THR A 174 10.67 -2.50 -3.75
N ALA A 175 10.54 -3.81 -3.91
CA ALA A 175 10.80 -4.72 -2.82
C ALA A 175 12.28 -4.68 -2.40
N PHE A 176 13.15 -4.67 -3.39
CA PHE A 176 14.58 -4.60 -3.15
C PHE A 176 14.96 -3.39 -2.32
N VAL A 177 14.41 -2.24 -2.68
CA VAL A 177 14.76 -0.97 -2.01
C VAL A 177 14.38 -0.99 -0.53
N GLN A 178 13.23 -1.57 -0.18
CA GLN A 178 12.84 -1.69 1.19
C GLN A 178 13.87 -2.51 1.98
N GLY A 179 14.28 -3.65 1.45
CA GLY A 179 15.26 -4.48 2.15
C GLY A 179 16.62 -3.81 2.25
N LEU A 180 16.99 -3.15 1.18
CA LEU A 180 18.29 -2.46 1.14
C LEU A 180 18.32 -1.35 2.18
N ALA A 181 17.22 -0.62 2.32
CA ALA A 181 17.15 0.42 3.35
C ALA A 181 17.40 -0.12 4.75
N LEU A 182 16.80 -1.26 5.10
CA LEU A 182 17.10 -1.88 6.37
C LEU A 182 18.55 -2.29 6.50
N ARG A 183 19.10 -2.89 5.44
CA ARG A 183 20.48 -3.38 5.49
C ARG A 183 21.44 -2.24 5.77
N LEU A 184 21.11 -1.03 5.27
CA LEU A 184 22.07 0.08 5.31
C LEU A 184 21.75 1.15 6.35
N ALA A 185 20.74 0.88 7.16
CA ALA A 185 20.25 1.89 8.10
C ALA A 185 21.34 2.24 9.11
N GLU A 186 22.06 1.24 9.63
CA GLU A 186 23.09 1.53 10.64
C GLU A 186 24.30 2.20 10.07
N ALA A 187 24.55 2.00 8.78
CA ALA A 187 25.64 2.68 8.10
C ALA A 187 25.29 4.12 7.69
N ARG A 188 24.05 4.56 8.00
CA ARG A 188 23.61 5.91 7.69
C ARG A 188 23.73 6.23 6.19
N ILE A 189 23.32 5.26 5.38
CA ILE A 189 23.20 5.45 3.95
C ILE A 189 21.69 5.56 3.66
N GLY A 190 21.25 6.70 3.18
CA GLY A 190 19.81 6.90 2.94
C GLY A 190 19.44 6.18 1.66
N VAL A 191 18.39 5.38 1.72
CA VAL A 191 17.99 4.53 0.62
C VAL A 191 16.57 4.91 0.20
N PHE A 192 16.39 5.26 -1.07
CA PHE A 192 15.13 5.86 -1.56
C PHE A 192 14.74 5.26 -2.90
N GLU A 193 13.44 5.32 -3.20
CA GLU A 193 12.90 4.96 -4.48
C GLU A 193 12.26 6.20 -5.07
N VAL A 194 12.53 6.45 -6.34
CA VAL A 194 11.89 7.50 -7.09
C VAL A 194 11.19 6.85 -8.29
N ARG A 195 9.90 7.15 -8.41
CA ARG A 195 9.06 6.53 -9.46
C ARG A 195 8.64 7.55 -10.51
N PRO A 196 9.36 7.61 -11.64
CA PRO A 196 8.94 8.55 -12.66
C PRO A 196 7.65 8.17 -13.36
N GLY A 197 6.88 9.19 -13.71
CA GLY A 197 5.68 9.02 -14.53
C GLY A 197 5.93 9.25 -16.00
N ILE A 198 5.16 10.15 -16.60
CA ILE A 198 5.27 10.45 -18.01
C ILE A 198 6.27 11.59 -18.18
N ILE A 199 7.51 11.20 -18.48
CA ILE A 199 8.63 12.12 -18.61
C ILE A 199 8.92 12.26 -20.11
N ARG A 200 9.20 13.48 -20.52
CA ARG A 200 9.47 13.77 -21.92
C ARG A 200 10.60 12.86 -22.44
N THR A 201 10.37 12.28 -23.61
CA THR A 201 11.39 11.51 -24.31
C THR A 201 11.42 11.93 -25.76
N ASP A 202 12.39 11.41 -26.51
CA ASP A 202 12.43 11.69 -27.93
C ASP A 202 11.18 11.08 -28.56
N MET A 203 10.43 11.87 -29.34
CA MET A 203 9.16 11.38 -29.89
C MET A 203 8.85 11.99 -31.22
N THR A 204 8.15 11.21 -32.04
CA THR A 204 7.57 11.70 -33.26
C THR A 204 6.46 12.70 -32.91
N ALA A 205 6.18 13.63 -33.83
CA ALA A 205 5.07 14.55 -33.63
C ALA A 205 3.78 13.79 -33.38
N LYS A 206 3.54 12.71 -34.13
CA LYS A 206 2.33 11.91 -33.96
C LYS A 206 2.14 11.43 -32.54
N VAL A 207 3.18 10.84 -31.97
CA VAL A 207 3.10 10.33 -30.61
C VAL A 207 3.04 11.43 -29.56
N ALA A 208 3.87 12.44 -29.69
CA ALA A 208 3.87 13.57 -28.79
C ALA A 208 2.54 14.32 -28.74
N ALA A 209 1.89 14.50 -29.89
CA ALA A 209 0.60 15.15 -29.95
C ALA A 209 -0.46 14.34 -29.17
N ARG A 210 -0.41 13.02 -29.29
CA ARG A 210 -1.36 12.15 -28.60
C ARG A 210 -1.16 12.25 -27.08
N TYR A 211 0.09 12.18 -26.64
CA TYR A 211 0.38 12.33 -25.22
C TYR A 211 0.01 13.70 -24.73
N ASP A 212 0.31 14.77 -25.49
CA ASP A 212 -0.06 16.12 -25.01
C ASP A 212 -1.58 16.23 -24.79
N ALA A 213 -2.35 15.66 -25.70
CA ALA A 213 -3.80 15.72 -25.56
C ALA A 213 -4.24 14.97 -24.28
N LEU A 214 -3.62 13.83 -23.99
CA LEU A 214 -3.98 13.05 -22.81
C LEU A 214 -3.56 13.76 -21.52
N ILE A 215 -2.36 14.34 -21.53
CA ILE A 215 -1.86 15.11 -20.39
C ILE A 215 -2.78 16.30 -20.13
N GLU A 216 -3.11 17.04 -21.18
CA GLU A 216 -4.00 18.21 -21.05
C GLU A 216 -5.42 17.82 -20.62
N GLY A 217 -5.87 16.64 -21.01
CA GLY A 217 -7.16 16.10 -20.58
C GLY A 217 -7.22 15.71 -19.11
N GLY A 218 -6.05 15.64 -18.48
CA GLY A 218 -5.96 15.39 -17.06
C GLY A 218 -5.52 13.98 -16.69
N LEU A 219 -5.04 13.18 -17.64
CA LEU A 219 -4.39 11.91 -17.28
C LEU A 219 -3.33 12.18 -16.19
N VAL A 220 -2.57 13.27 -16.38
CA VAL A 220 -1.63 13.75 -15.38
C VAL A 220 -2.31 14.93 -14.67
N PRO A 221 -2.56 14.81 -13.36
CA PRO A 221 -3.26 15.92 -12.70
C PRO A 221 -2.62 17.31 -12.86
N MET A 222 -1.29 17.36 -12.86
CA MET A 222 -0.59 18.65 -13.01
C MET A 222 -0.60 19.14 -14.46
N LYS A 223 -1.05 18.30 -15.38
CA LYS A 223 -1.30 18.73 -16.76
C LYS A 223 -0.05 19.26 -17.45
N ARG A 224 1.09 18.64 -17.17
CA ARG A 224 2.29 18.93 -17.94
C ARG A 224 3.14 17.70 -18.05
N TRP A 225 3.99 17.67 -19.07
CA TRP A 225 5.08 16.72 -19.11
C TRP A 225 5.99 16.84 -17.90
N GLY A 226 6.45 15.70 -17.40
CA GLY A 226 7.62 15.69 -16.52
C GLY A 226 8.85 15.94 -17.37
N GLU A 227 9.85 16.60 -16.80
CA GLU A 227 11.13 16.77 -17.48
C GLU A 227 12.21 15.99 -16.75
N ALA A 228 13.28 15.69 -17.46
CA ALA A 228 14.42 15.04 -16.83
C ALA A 228 14.90 15.90 -15.65
N SER A 229 14.83 17.22 -15.79
CA SER A 229 15.20 18.11 -14.69
C SER A 229 14.33 18.00 -13.43
N ASP A 230 13.06 17.64 -13.56
CA ASP A 230 12.22 17.33 -12.41
C ASP A 230 12.79 16.14 -11.59
N VAL A 231 13.05 15.03 -12.29
CA VAL A 231 13.63 13.88 -11.64
C VAL A 231 15.01 14.21 -11.06
N GLY A 232 15.80 14.98 -11.80
CA GLY A 232 17.10 15.39 -11.32
C GLY A 232 17.03 16.20 -10.03
N ALA A 233 16.12 17.18 -9.99
CA ALA A 233 16.00 18.02 -8.79
C ALA A 233 15.58 17.22 -7.55
N ILE A 234 14.70 16.27 -7.75
CA ILE A 234 14.25 15.37 -6.68
C ILE A 234 15.40 14.53 -6.18
N VAL A 235 16.12 13.92 -7.11
CA VAL A 235 17.26 13.08 -6.72
C VAL A 235 18.36 13.89 -6.00
N ALA A 236 18.69 15.06 -6.51
CA ALA A 236 19.68 15.89 -5.86
C ALA A 236 19.25 16.30 -4.44
N GLY A 237 17.95 16.57 -4.25
CA GLY A 237 17.44 16.79 -2.89
C GLY A 237 17.63 15.62 -1.95
N LEU A 238 17.34 14.42 -2.43
CA LEU A 238 17.57 13.22 -1.64
C LEU A 238 19.05 12.94 -1.36
N ALA A 239 19.91 13.24 -2.32
CA ALA A 239 21.34 12.97 -2.22
C ALA A 239 22.07 13.93 -1.31
N GLY A 240 21.45 15.07 -0.98
CA GLY A 240 22.14 16.12 -0.20
C GLY A 240 22.27 15.87 1.29
N GLY A 241 21.59 14.84 1.80
CA GLY A 241 21.69 14.44 3.19
C GLY A 241 20.53 14.82 4.10
N ASP A 242 19.70 15.77 3.68
CA ASP A 242 18.60 16.20 4.53
C ASP A 242 17.51 15.19 4.71
N PHE A 243 17.49 14.15 3.87
CA PHE A 243 16.45 13.13 3.95
C PHE A 243 16.96 11.82 4.58
N ILE A 244 18.09 11.86 5.27
CA ILE A 244 18.68 10.62 5.80
C ILE A 244 17.70 9.86 6.70
N PHE A 245 16.96 10.61 7.52
CA PHE A 245 16.05 9.98 8.47
C PHE A 245 14.75 9.50 7.77
N ALA A 246 14.62 9.77 6.47
CA ALA A 246 13.48 9.28 5.67
C ALA A 246 13.82 8.06 4.82
N THR A 247 14.92 7.41 5.18
CA THR A 247 15.35 6.19 4.49
C THR A 247 14.18 5.20 4.39
N GLY A 248 14.06 4.60 3.21
CA GLY A 248 12.95 3.68 2.86
C GLY A 248 11.78 4.40 2.21
N SER A 249 11.81 5.72 2.14
CA SER A 249 10.74 6.45 1.47
C SER A 249 10.74 6.27 -0.06
N ALA A 250 9.54 6.34 -0.63
CA ALA A 250 9.32 6.29 -2.06
C ALA A 250 8.69 7.64 -2.50
N ILE A 251 9.22 8.23 -3.55
CA ILE A 251 8.80 9.57 -4.05
C ILE A 251 8.25 9.32 -5.43
N HIS A 252 7.04 9.79 -5.69
N HIS A 252 7.02 9.77 -5.75
CA HIS A 252 6.51 9.77 -7.01
CA HIS A 252 6.51 9.54 -7.11
C HIS A 252 7.23 10.92 -7.72
C HIS A 252 6.62 10.82 -7.96
N ALA A 253 7.48 10.80 -9.00
CA ALA A 253 7.84 11.98 -9.79
C ALA A 253 6.99 11.94 -11.06
N ASP A 254 5.69 12.22 -10.87
CA ASP A 254 4.68 11.91 -11.88
C ASP A 254 3.53 12.92 -12.01
N GLY A 255 3.64 14.09 -11.38
CA GLY A 255 2.59 15.07 -11.52
C GLY A 255 1.26 14.66 -10.95
N GLY A 256 1.29 13.66 -10.07
CA GLY A 256 0.10 13.07 -9.51
C GLY A 256 -0.53 11.91 -10.22
N LEU A 257 0.13 11.39 -11.26
CA LEU A 257 -0.43 10.34 -12.10
C LEU A 257 -0.84 9.13 -11.28
N SER A 258 -0.01 8.76 -10.29
CA SER A 258 -0.25 7.52 -9.49
C SER A 258 -1.18 7.72 -8.31
N ILE A 259 -1.71 8.91 -8.13
CA ILE A 259 -2.71 9.09 -7.06
C ILE A 259 -3.95 8.30 -7.45
N ALA A 260 -4.43 7.42 -6.56
CA ALA A 260 -5.57 6.60 -6.88
C ALA A 260 -6.81 7.43 -6.73
N LYS A 261 -7.59 7.50 -7.78
CA LYS A 261 -8.74 8.41 -7.81
C LYS A 261 -9.92 7.76 -8.47
N LEU A 262 -11.10 8.21 -8.08
CA LEU A 262 -12.32 7.74 -8.65
C LEU A 262 -13.14 8.96 -8.98
N SER B 10 -19.39 -33.82 -21.55
CA SER B 10 -19.10 -32.55 -20.80
C SER B 10 -18.86 -32.82 -19.30
N ARG B 11 -17.89 -32.14 -18.70
CA ARG B 11 -17.53 -32.46 -17.32
C ARG B 11 -18.63 -32.06 -16.32
N GLN B 12 -18.79 -32.88 -15.29
CA GLN B 12 -19.81 -32.71 -14.27
C GLN B 12 -19.27 -32.18 -12.97
N ARG B 13 -17.95 -32.09 -12.86
CA ARG B 13 -17.30 -31.50 -11.71
C ARG B 13 -16.28 -30.53 -12.23
N PRO B 14 -16.07 -29.41 -11.52
CA PRO B 14 -15.02 -28.48 -11.94
C PRO B 14 -13.64 -29.09 -11.70
N VAL B 15 -12.68 -28.64 -12.48
CA VAL B 15 -11.32 -29.15 -12.46
C VAL B 15 -10.35 -28.08 -11.94
N ALA B 16 -9.61 -28.41 -10.90
CA ALA B 16 -8.55 -27.56 -10.34
C ALA B 16 -7.20 -28.16 -10.60
N LEU B 17 -6.30 -27.32 -11.12
CA LEU B 17 -4.93 -27.71 -11.38
C LEU B 17 -4.13 -27.05 -10.25
N VAL B 18 -3.55 -27.87 -9.38
CA VAL B 18 -2.80 -27.39 -8.22
C VAL B 18 -1.33 -27.71 -8.43
N THR B 19 -0.54 -26.67 -8.65
CA THR B 19 0.89 -26.90 -8.82
C THR B 19 1.56 -27.16 -7.46
N GLY B 20 2.49 -28.11 -7.42
CA GLY B 20 3.07 -28.51 -6.14
C GLY B 20 2.06 -29.10 -5.17
N GLY B 21 1.10 -29.85 -5.68
CA GLY B 21 -0.08 -30.22 -4.91
C GLY B 21 0.04 -31.51 -4.11
N ARG B 22 1.20 -32.12 -4.07
CA ARG B 22 1.25 -33.41 -3.40
C ARG B 22 1.85 -33.37 -1.99
N ARG B 23 2.26 -32.19 -1.54
CA ARG B 23 2.70 -32.02 -0.18
C ARG B 23 2.52 -30.59 0.30
N GLY B 24 2.61 -30.43 1.62
CA GLY B 24 2.65 -29.10 2.23
C GLY B 24 1.36 -28.33 1.97
N ILE B 25 1.51 -27.03 1.75
CA ILE B 25 0.36 -26.16 1.50
C ILE B 25 -0.44 -26.62 0.29
N GLY B 26 0.26 -27.03 -0.76
CA GLY B 26 -0.39 -27.51 -1.98
C GLY B 26 -1.33 -28.68 -1.69
N LEU B 27 -0.90 -29.61 -0.86
CA LEU B 27 -1.74 -30.74 -0.49
C LEU B 27 -2.95 -30.31 0.34
N GLY B 28 -2.77 -29.34 1.25
CA GLY B 28 -3.91 -28.82 2.01
C GLY B 28 -4.92 -28.18 1.08
N ILE B 29 -4.44 -27.46 0.07
CA ILE B 29 -5.31 -26.86 -0.93
C ILE B 29 -6.02 -27.95 -1.75
N ALA B 30 -5.29 -28.93 -2.20
CA ALA B 30 -5.88 -30.02 -2.98
C ALA B 30 -6.98 -30.73 -2.19
N ARG B 31 -6.71 -31.01 -0.90
N ARG B 31 -6.71 -31.00 -0.91
CA ARG B 31 -7.70 -31.67 -0.05
CA ARG B 31 -7.71 -31.65 -0.05
C ARG B 31 -8.97 -30.83 0.10
C ARG B 31 -8.97 -30.82 0.07
N ALA B 32 -8.79 -29.53 0.35
CA ALA B 32 -9.95 -28.63 0.49
C ALA B 32 -10.77 -28.56 -0.78
N LEU B 33 -10.11 -28.49 -1.92
CA LEU B 33 -10.80 -28.43 -3.20
C LEU B 33 -11.52 -29.72 -3.50
N ALA B 34 -10.89 -30.85 -3.26
CA ALA B 34 -11.56 -32.14 -3.48
C ALA B 34 -12.82 -32.23 -2.60
N ALA B 35 -12.70 -31.81 -1.34
CA ALA B 35 -13.82 -31.87 -0.43
C ALA B 35 -14.99 -31.00 -0.87
N LYS B 36 -14.69 -29.92 -1.57
CA LYS B 36 -15.68 -28.98 -2.09
C LYS B 36 -16.31 -29.45 -3.39
N GLY B 37 -15.74 -30.47 -4.02
CA GLY B 37 -16.33 -31.11 -5.16
C GLY B 37 -15.52 -30.95 -6.45
N PHE B 38 -14.26 -30.54 -6.36
CA PHE B 38 -13.44 -30.42 -7.56
C PHE B 38 -12.76 -31.74 -7.88
N ASP B 39 -12.53 -31.97 -9.17
CA ASP B 39 -11.57 -32.93 -9.67
C ASP B 39 -10.21 -32.24 -9.68
N LEU B 40 -9.15 -33.04 -9.61
CA LEU B 40 -7.81 -32.49 -9.32
C LEU B 40 -6.78 -32.96 -10.32
N ALA B 41 -6.08 -32.01 -10.91
CA ALA B 41 -4.83 -32.23 -11.65
C ALA B 41 -3.69 -31.72 -10.78
N ILE B 42 -2.85 -32.63 -10.32
CA ILE B 42 -1.79 -32.30 -9.38
C ILE B 42 -0.50 -32.32 -10.18
N THR B 43 0.31 -31.26 -10.07
CA THR B 43 1.66 -31.30 -10.69
C THR B 43 2.74 -31.29 -9.63
N ASP B 44 3.86 -31.93 -9.95
CA ASP B 44 5.07 -31.80 -9.13
C ASP B 44 6.20 -32.46 -9.94
N ARG B 45 7.42 -32.30 -9.46
CA ARG B 45 8.56 -32.92 -10.09
C ARG B 45 8.49 -34.45 -9.98
N GLU B 46 8.01 -34.95 -8.84
CA GLU B 46 7.80 -36.40 -8.64
C GLU B 46 6.49 -36.65 -7.96
N SER B 47 5.93 -37.85 -8.15
CA SER B 47 4.63 -38.16 -7.55
C SER B 47 4.80 -38.77 -6.18
N ASP B 48 3.66 -38.95 -5.52
CA ASP B 48 3.53 -39.75 -4.34
C ASP B 48 2.18 -40.46 -4.49
N GLU B 49 2.22 -41.74 -4.83
CA GLU B 49 1.00 -42.46 -5.16
C GLU B 49 0.09 -42.60 -3.95
N ALA B 50 0.68 -42.60 -2.74
CA ALA B 50 -0.16 -42.69 -1.51
C ALA B 50 -0.99 -41.45 -1.32
N VAL B 51 -0.39 -40.32 -1.63
CA VAL B 51 -1.10 -39.06 -1.58
C VAL B 51 -2.20 -38.99 -2.64
N ILE B 52 -1.92 -39.40 -3.87
CA ILE B 52 -2.93 -39.42 -4.91
C ILE B 52 -4.09 -40.34 -4.46
N HIS B 53 -3.75 -41.50 -3.89
CA HIS B 53 -4.80 -42.41 -3.38
C HIS B 53 -5.62 -41.78 -2.26
N GLU B 54 -4.93 -41.11 -1.36
CA GLU B 54 -5.58 -40.40 -0.28
C GLU B 54 -6.55 -39.34 -0.83
N LEU B 55 -6.11 -38.57 -1.80
CA LEU B 55 -6.98 -37.57 -2.40
C LEU B 55 -8.17 -38.18 -3.08
N ARG B 56 -8.02 -39.35 -3.70
CA ARG B 56 -9.17 -40.02 -4.33
C ARG B 56 -10.21 -40.43 -3.31
N GLY B 57 -9.78 -40.60 -2.06
CA GLY B 57 -10.68 -40.96 -0.99
C GLY B 57 -11.66 -39.87 -0.65
N LEU B 58 -11.39 -38.64 -1.09
CA LEU B 58 -12.35 -37.55 -0.90
C LEU B 58 -13.51 -37.60 -1.91
N GLY B 59 -13.46 -38.56 -2.85
CA GLY B 59 -14.59 -38.91 -3.69
C GLY B 59 -14.66 -38.38 -5.10
N GLY B 60 -13.57 -37.78 -5.59
CA GLY B 60 -13.49 -37.27 -6.98
C GLY B 60 -12.36 -37.90 -7.77
N LYS B 61 -12.14 -37.40 -8.99
CA LYS B 61 -11.06 -37.85 -9.87
C LYS B 61 -9.78 -37.08 -9.53
N VAL B 62 -8.64 -37.78 -9.57
CA VAL B 62 -7.34 -37.18 -9.28
C VAL B 62 -6.33 -37.77 -10.25
N ALA B 63 -5.53 -36.91 -10.85
CA ALA B 63 -4.45 -37.34 -11.72
C ALA B 63 -3.23 -36.50 -11.48
N PHE B 64 -2.09 -37.16 -11.63
CA PHE B 64 -0.78 -36.52 -11.45
C PHE B 64 -0.09 -36.28 -12.80
N PHE B 65 0.58 -35.14 -12.87
CA PHE B 65 1.31 -34.71 -14.07
C PHE B 65 2.70 -34.26 -13.65
N LYS B 66 3.71 -34.89 -14.22
CA LYS B 66 5.09 -34.56 -13.89
C LYS B 66 5.46 -33.23 -14.54
N SER B 67 5.94 -32.28 -13.74
CA SER B 67 6.27 -30.98 -14.24
C SER B 67 7.27 -30.29 -13.34
N ASP B 68 8.29 -29.72 -13.96
CA ASP B 68 9.19 -28.78 -13.32
C ASP B 68 8.70 -27.37 -13.68
N LEU B 69 8.20 -26.64 -12.69
CA LEU B 69 7.67 -25.29 -12.90
C LEU B 69 8.67 -24.36 -13.65
N ALA B 70 9.97 -24.53 -13.37
CA ALA B 70 10.97 -23.68 -14.01
C ALA B 70 11.15 -23.97 -15.50
N ALA B 71 10.73 -25.15 -15.95
CA ALA B 71 10.99 -25.59 -17.32
C ALA B 71 9.87 -25.09 -18.23
N VAL B 72 9.91 -23.80 -18.55
N VAL B 72 9.95 -23.80 -18.55
CA VAL B 72 8.79 -23.18 -19.26
CA VAL B 72 8.90 -23.10 -19.29
C VAL B 72 8.53 -23.77 -20.66
C VAL B 72 8.56 -23.75 -20.63
N LYS B 73 9.55 -24.35 -21.29
CA LYS B 73 9.34 -25.00 -22.60
C LYS B 73 8.40 -26.18 -22.50
N THR B 74 8.22 -26.72 -21.30
CA THR B 74 7.45 -27.95 -21.10
C THR B 74 6.02 -27.66 -20.69
N HIS B 75 5.71 -26.40 -20.40
CA HIS B 75 4.38 -26.08 -19.83
C HIS B 75 3.21 -26.37 -20.77
N GLU B 76 3.36 -26.05 -22.07
CA GLU B 76 2.23 -26.27 -22.97
C GLU B 76 1.86 -27.74 -23.01
N ALA B 77 2.89 -28.59 -23.10
CA ALA B 77 2.65 -30.04 -23.09
C ALA B 77 1.92 -30.51 -21.82
N THR B 78 2.31 -29.96 -20.67
CA THR B 78 1.63 -30.26 -19.41
C THR B 78 0.16 -29.85 -19.48
N VAL B 79 -0.08 -28.63 -19.94
CA VAL B 79 -1.46 -28.17 -20.07
C VAL B 79 -2.30 -29.05 -21.00
N PHE B 80 -1.76 -29.40 -22.17
CA PHE B 80 -2.42 -30.38 -23.03
C PHE B 80 -2.70 -31.69 -22.36
N ALA B 81 -1.77 -32.17 -21.55
CA ALA B 81 -2.02 -33.44 -20.85
C ALA B 81 -3.22 -33.32 -19.90
N VAL B 82 -3.29 -32.20 -19.21
CA VAL B 82 -4.42 -31.96 -18.31
C VAL B 82 -5.72 -31.87 -19.11
N LEU B 83 -5.70 -31.15 -20.22
CA LEU B 83 -6.89 -31.05 -21.07
C LEU B 83 -7.31 -32.40 -21.63
N ASP B 84 -6.33 -33.19 -22.06
CA ASP B 84 -6.63 -34.50 -22.63
C ASP B 84 -7.31 -35.39 -21.58
N ALA B 85 -6.92 -35.25 -20.31
CA ALA B 85 -7.47 -36.05 -19.22
C ALA B 85 -8.81 -35.56 -18.68
N PHE B 86 -8.98 -34.24 -18.62
CA PHE B 86 -10.14 -33.63 -17.95
C PHE B 86 -11.05 -32.80 -18.82
N GLY B 87 -10.59 -32.36 -19.99
CA GLY B 87 -11.44 -31.60 -20.91
C GLY B 87 -11.36 -30.10 -20.76
N GLY B 88 -10.99 -29.64 -19.58
CA GLY B 88 -10.94 -28.21 -19.30
C GLY B 88 -10.34 -27.97 -17.94
N ILE B 89 -10.03 -26.72 -17.67
CA ILE B 89 -9.47 -26.29 -16.39
C ILE B 89 -10.35 -25.14 -15.89
N ASP B 90 -10.90 -25.29 -14.68
CA ASP B 90 -11.74 -24.25 -14.10
C ASP B 90 -11.01 -23.40 -13.07
N CYS B 91 -10.07 -24.01 -12.36
CA CYS B 91 -9.29 -23.31 -11.32
C CYS B 91 -7.82 -23.65 -11.44
N LEU B 92 -6.96 -22.63 -11.51
CA LEU B 92 -5.54 -22.83 -11.38
C LEU B 92 -5.11 -22.32 -10.02
N VAL B 93 -4.41 -23.14 -9.27
CA VAL B 93 -3.76 -22.71 -8.04
C VAL B 93 -2.26 -22.75 -8.25
N ASN B 94 -1.68 -21.55 -8.29
CA ASN B 94 -0.23 -21.41 -8.42
C ASN B 94 0.36 -21.49 -7.01
N ASN B 95 0.64 -22.73 -6.59
CA ASN B 95 1.22 -22.99 -5.29
C ASN B 95 2.70 -23.32 -5.31
N ALA B 96 3.19 -23.98 -6.37
CA ALA B 96 4.55 -24.40 -6.45
C ALA B 96 5.51 -23.22 -6.25
N GLY B 97 6.54 -23.49 -5.48
CA GLY B 97 7.48 -22.46 -5.13
C GLY B 97 8.61 -23.03 -4.33
N MET B 98 9.58 -22.20 -4.00
CA MET B 98 10.69 -22.59 -3.16
C MET B 98 11.14 -21.44 -2.28
N GLY B 99 11.76 -21.78 -1.17
CA GLY B 99 12.45 -20.79 -0.36
C GLY B 99 13.82 -20.48 -0.94
N ALA B 100 14.46 -19.46 -0.39
CA ALA B 100 15.79 -19.09 -0.83
C ALA B 100 16.77 -20.25 -0.65
N VAL B 101 17.70 -20.38 -1.57
CA VAL B 101 18.66 -21.48 -1.50
C VAL B 101 19.52 -21.34 -0.26
N GLU B 102 19.96 -20.11 0.00
CA GLU B 102 20.77 -19.80 1.16
C GLU B 102 20.22 -18.52 1.77
N ARG B 103 20.20 -18.44 3.09
CA ARG B 103 19.84 -17.21 3.75
C ARG B 103 21.12 -16.62 4.26
N GLY B 104 21.20 -15.29 4.30
CA GLY B 104 22.38 -14.62 4.83
C GLY B 104 22.46 -13.21 4.34
N ASP B 105 23.59 -12.56 4.62
CA ASP B 105 23.74 -11.14 4.28
C ASP B 105 23.54 -10.95 2.77
N PHE B 106 22.77 -9.92 2.42
CA PHE B 106 22.63 -9.50 1.03
C PHE B 106 23.98 -9.37 0.33
N LEU B 107 25.00 -8.92 1.04
CA LEU B 107 26.33 -8.83 0.43
C LEU B 107 26.89 -10.13 -0.11
N ALA B 108 26.40 -11.26 0.40
CA ALA B 108 26.89 -12.58 -0.01
C ALA B 108 25.96 -13.25 -1.01
N LEU B 109 24.85 -12.60 -1.34
CA LEU B 109 23.86 -13.18 -2.25
C LEU B 109 24.51 -13.50 -3.59
N LYS B 110 24.33 -14.72 -4.04
CA LYS B 110 24.88 -15.17 -5.30
C LYS B 110 23.85 -14.99 -6.44
N PRO B 111 24.28 -14.43 -7.57
CA PRO B 111 23.38 -14.35 -8.73
C PRO B 111 22.79 -15.70 -9.08
N GLU B 112 23.58 -16.76 -8.93
CA GLU B 112 23.09 -18.09 -9.33
C GLU B 112 21.91 -18.53 -8.49
N ASN B 113 21.93 -18.18 -7.22
CA ASN B 113 20.83 -18.51 -6.33
C ASN B 113 19.60 -17.64 -6.57
N PHE B 114 19.85 -16.36 -6.81
CA PHE B 114 18.80 -15.42 -7.26
C PHE B 114 18.11 -16.00 -8.51
N ASP B 115 18.89 -16.47 -9.48
CA ASP B 115 18.35 -17.02 -10.71
C ASP B 115 17.49 -18.26 -10.43
N THR B 116 17.97 -19.15 -9.59
CA THR B 116 17.24 -20.36 -9.33
C THR B 116 15.85 -20.05 -8.81
N ILE B 117 15.80 -19.18 -7.80
CA ILE B 117 14.50 -18.87 -7.20
C ILE B 117 13.61 -18.03 -8.11
N MET B 118 14.18 -17.09 -8.83
CA MET B 118 13.38 -16.33 -9.76
CA MET B 118 13.41 -16.32 -9.82
C MET B 118 12.80 -17.24 -10.86
N ASP B 119 13.59 -18.22 -11.29
CA ASP B 119 13.14 -19.06 -12.38
C ASP B 119 11.97 -19.93 -11.97
N VAL B 120 11.97 -20.33 -10.69
CA VAL B 120 10.87 -21.15 -10.16
C VAL B 120 9.68 -20.24 -9.81
N ASN B 121 9.87 -19.38 -8.81
CA ASN B 121 8.73 -18.68 -8.21
C ASN B 121 8.07 -17.70 -9.13
N LEU B 122 8.86 -16.96 -9.88
CA LEU B 122 8.36 -15.82 -10.65
C LEU B 122 8.22 -16.16 -12.14
N ARG B 123 9.35 -16.42 -12.81
CA ARG B 123 9.32 -16.74 -14.25
C ARG B 123 8.47 -17.98 -14.51
N GLY B 124 8.70 -19.04 -13.74
CA GLY B 124 7.99 -20.29 -13.99
C GLY B 124 6.49 -20.07 -13.79
N THR B 125 6.11 -19.46 -12.68
CA THR B 125 4.69 -19.20 -12.40
C THR B 125 4.02 -18.35 -13.48
N VAL B 126 4.69 -17.28 -13.93
CA VAL B 126 4.15 -16.40 -14.93
C VAL B 126 3.85 -17.20 -16.21
N PHE B 127 4.82 -17.99 -16.65
CA PHE B 127 4.64 -18.66 -17.94
C PHE B 127 3.73 -19.91 -17.84
N PHE B 128 3.73 -20.56 -16.69
CA PHE B 128 2.76 -21.64 -16.46
C PHE B 128 1.35 -21.08 -16.51
N THR B 129 1.16 -19.93 -15.86
CA THR B 129 -0.13 -19.26 -15.90
C THR B 129 -0.53 -18.89 -17.33
N GLN B 130 0.40 -18.30 -18.10
CA GLN B 130 0.14 -18.00 -19.49
C GLN B 130 -0.39 -19.23 -20.25
N ALA B 131 0.27 -20.38 -20.05
CA ALA B 131 -0.11 -21.59 -20.77
C ALA B 131 -1.53 -22.02 -20.38
N VAL B 132 -1.86 -21.97 -19.09
CA VAL B 132 -3.19 -22.35 -18.64
C VAL B 132 -4.25 -21.35 -19.13
N VAL B 133 -3.96 -20.06 -19.07
CA VAL B 133 -4.90 -19.04 -19.46
C VAL B 133 -5.26 -19.15 -20.95
N LYS B 134 -4.30 -19.50 -21.81
CA LYS B 134 -4.62 -19.71 -23.20
C LYS B 134 -5.70 -20.77 -23.33
N ALA B 135 -5.57 -21.82 -22.54
CA ALA B 135 -6.56 -22.90 -22.60
C ALA B 135 -7.91 -22.44 -22.03
N MET B 136 -7.90 -21.73 -20.92
CA MET B 136 -9.15 -21.27 -20.34
C MET B 136 -9.90 -20.31 -21.30
N LEU B 137 -9.18 -19.43 -21.96
CA LEU B 137 -9.81 -18.50 -22.87
C LEU B 137 -10.32 -19.11 -24.13
N ALA B 138 -9.84 -20.32 -24.44
CA ALA B 138 -10.31 -21.08 -25.59
C ALA B 138 -11.45 -22.02 -25.27
N ALA B 139 -11.89 -22.10 -24.02
CA ALA B 139 -12.91 -23.06 -23.61
C ALA B 139 -14.24 -22.78 -24.34
N ASP B 140 -14.89 -23.82 -24.83
CA ASP B 140 -16.11 -23.59 -25.62
C ASP B 140 -17.32 -23.69 -24.74
N GLU B 141 -17.12 -24.08 -23.50
CA GLU B 141 -18.16 -23.92 -22.51
C GLU B 141 -17.64 -23.66 -21.13
N VAL B 142 -18.48 -22.97 -20.38
CA VAL B 142 -18.11 -22.45 -19.08
C VAL B 142 -19.30 -22.69 -18.17
N ARG B 143 -19.32 -23.82 -17.49
CA ARG B 143 -20.43 -24.22 -16.65
C ARG B 143 -20.14 -24.04 -15.16
N PHE B 144 -18.89 -23.75 -14.81
CA PHE B 144 -18.46 -23.62 -13.42
C PHE B 144 -17.77 -22.29 -13.22
N PRO B 145 -17.77 -21.78 -11.98
CA PRO B 145 -16.98 -20.61 -11.68
C PRO B 145 -15.50 -20.87 -11.96
N ARG B 146 -14.80 -19.85 -12.44
CA ARG B 146 -13.40 -20.01 -12.77
C ARG B 146 -12.53 -19.07 -11.98
N SER B 147 -11.31 -19.50 -11.67
CA SER B 147 -10.42 -18.70 -10.86
C SER B 147 -8.98 -19.05 -11.09
N ILE B 148 -8.12 -18.09 -10.81
CA ILE B 148 -6.67 -18.32 -10.74
C ILE B 148 -6.26 -17.76 -9.40
N VAL B 149 -5.81 -18.64 -8.52
CA VAL B 149 -5.40 -18.25 -7.17
C VAL B 149 -3.92 -18.44 -7.03
N THR B 150 -3.18 -17.36 -6.81
CA THR B 150 -1.73 -17.44 -6.72
C THR B 150 -1.28 -17.35 -5.28
N ILE B 151 -0.51 -18.33 -4.84
CA ILE B 151 -0.03 -18.38 -3.47
C ILE B 151 1.35 -17.74 -3.49
N SER B 152 1.43 -16.53 -2.98
CA SER B 152 2.71 -15.82 -2.91
C SER B 152 3.32 -16.03 -1.52
N SER B 153 3.25 -15.02 -0.66
CA SER B 153 3.82 -15.02 0.68
C SER B 153 3.58 -13.69 1.33
N VAL B 154 3.58 -13.63 2.68
CA VAL B 154 3.68 -12.33 3.32
C VAL B 154 4.95 -11.60 2.88
N SER B 155 5.95 -12.35 2.40
CA SER B 155 7.20 -11.74 1.92
C SER B 155 7.03 -10.88 0.66
N SER B 156 5.84 -10.95 0.04
CA SER B 156 5.50 -10.02 -1.04
C SER B 156 5.51 -8.59 -0.55
N VAL B 157 5.13 -8.39 0.71
CA VAL B 157 4.92 -7.06 1.25
C VAL B 157 5.72 -6.78 2.52
N MET B 158 6.34 -7.80 3.12
CA MET B 158 7.20 -7.64 4.32
C MET B 158 8.60 -8.01 3.89
N THR B 159 9.60 -7.20 4.19
CA THR B 159 10.95 -7.51 3.68
C THR B 159 11.77 -8.26 4.73
N SER B 160 12.63 -9.17 4.27
CA SER B 160 13.56 -9.90 5.14
C SER B 160 14.91 -9.78 4.49
N PRO B 161 15.81 -8.91 5.04
CA PRO B 161 17.07 -8.62 4.36
C PRO B 161 18.01 -9.80 4.14
N GLU B 162 17.84 -10.88 4.91
CA GLU B 162 18.65 -12.10 4.78
C GLU B 162 18.14 -13.02 3.66
N ARG B 163 17.04 -12.65 3.01
CA ARG B 163 16.52 -13.44 1.90
C ARG B 163 15.79 -12.59 0.85
N LEU B 164 16.49 -11.56 0.36
CA LEU B 164 15.85 -10.63 -0.57
C LEU B 164 15.47 -11.26 -1.89
N ASP B 165 16.22 -12.28 -2.33
CA ASP B 165 15.83 -13.00 -3.54
C ASP B 165 14.43 -13.60 -3.39
N TYR B 166 14.14 -14.16 -2.21
CA TYR B 166 12.81 -14.72 -1.98
C TYR B 166 11.79 -13.58 -2.04
N CYS B 167 12.05 -12.52 -1.29
CA CYS B 167 11.10 -11.41 -1.25
C CYS B 167 10.80 -10.79 -2.61
N ILE B 168 11.86 -10.59 -3.39
CA ILE B 168 11.70 -9.98 -4.71
C ILE B 168 10.85 -10.91 -5.59
N SER B 169 11.09 -12.21 -5.51
CA SER B 169 10.37 -13.13 -6.38
C SER B 169 8.88 -13.09 -6.03
N LYS B 170 8.59 -12.98 -4.75
CA LYS B 170 7.19 -12.94 -4.33
C LYS B 170 6.50 -11.60 -4.62
N ALA B 171 7.22 -10.51 -4.45
CA ALA B 171 6.70 -9.21 -4.81
C ALA B 171 6.40 -9.11 -6.32
N GLY B 172 7.22 -9.78 -7.11
CA GLY B 172 6.96 -9.86 -8.54
C GLY B 172 5.60 -10.50 -8.81
N LEU B 173 5.28 -11.53 -8.04
CA LEU B 173 3.99 -12.20 -8.21
C LEU B 173 2.83 -11.28 -7.87
N THR B 174 2.98 -10.46 -6.83
CA THR B 174 1.93 -9.51 -6.48
C THR B 174 1.58 -8.61 -7.66
N ALA B 175 2.62 -8.06 -8.31
CA ALA B 175 2.42 -7.22 -9.47
C ALA B 175 1.78 -7.97 -10.64
N PHE B 176 2.24 -9.21 -10.86
CA PHE B 176 1.71 -10.08 -11.90
C PHE B 176 0.22 -10.29 -11.71
N VAL B 177 -0.18 -10.60 -10.48
CA VAL B 177 -1.59 -10.91 -10.18
C VAL B 177 -2.51 -9.71 -10.48
N GLN B 178 -2.08 -8.48 -10.17
CA GLN B 178 -2.88 -7.34 -10.51
C GLN B 178 -3.13 -7.16 -11.99
N GLY B 179 -2.08 -7.34 -12.80
CA GLY B 179 -2.23 -7.27 -14.23
C GLY B 179 -3.09 -8.39 -14.78
N LEU B 180 -2.87 -9.60 -14.26
CA LEU B 180 -3.65 -10.75 -14.69
C LEU B 180 -5.13 -10.59 -14.39
N ALA B 181 -5.44 -10.03 -13.22
CA ALA B 181 -6.83 -9.77 -12.90
C ALA B 181 -7.51 -8.87 -13.94
N LEU B 182 -6.82 -7.79 -14.34
CA LEU B 182 -7.35 -6.95 -15.42
C LEU B 182 -7.52 -7.70 -16.74
N ARG B 183 -6.52 -8.50 -17.12
CA ARG B 183 -6.56 -9.21 -18.38
C ARG B 183 -7.74 -10.16 -18.45
N LEU B 184 -8.14 -10.69 -17.28
CA LEU B 184 -9.15 -11.75 -17.26
C LEU B 184 -10.53 -11.32 -16.72
N ALA B 185 -10.71 -10.03 -16.50
CA ALA B 185 -11.94 -9.56 -15.89
C ALA B 185 -13.14 -9.74 -16.78
N GLU B 186 -13.00 -9.52 -18.08
CA GLU B 186 -14.14 -9.70 -19.01
C GLU B 186 -14.49 -11.17 -19.19
N ALA B 187 -13.50 -12.03 -19.06
CA ALA B 187 -13.73 -13.47 -19.15
C ALA B 187 -14.35 -14.03 -17.86
N ARG B 188 -14.50 -13.18 -16.84
CA ARG B 188 -15.07 -13.59 -15.57
C ARG B 188 -14.29 -14.74 -14.91
N ILE B 189 -12.98 -14.64 -14.94
CA ILE B 189 -12.09 -15.51 -14.23
C ILE B 189 -11.60 -14.71 -13.02
N GLY B 190 -11.95 -15.15 -11.83
CA GLY B 190 -11.55 -14.41 -10.62
C GLY B 190 -10.08 -14.63 -10.35
N VAL B 191 -9.35 -13.57 -10.13
CA VAL B 191 -7.89 -13.64 -9.97
C VAL B 191 -7.53 -13.09 -8.62
N PHE B 192 -6.88 -13.91 -7.82
CA PHE B 192 -6.62 -13.61 -6.40
C PHE B 192 -5.20 -13.91 -5.99
N GLU B 193 -4.72 -13.21 -4.96
CA GLU B 193 -3.46 -13.52 -4.35
C GLU B 193 -3.71 -13.95 -2.90
N VAL B 194 -3.08 -15.02 -2.49
CA VAL B 194 -3.11 -15.47 -1.09
C VAL B 194 -1.69 -15.48 -0.56
N ARG B 195 -1.50 -14.80 0.59
CA ARG B 195 -0.18 -14.61 1.18
C ARG B 195 -0.01 -15.38 2.48
N PRO B 196 0.55 -16.59 2.41
CA PRO B 196 0.74 -17.32 3.65
C PRO B 196 1.80 -16.71 4.55
N GLY B 197 1.56 -16.77 5.86
CA GLY B 197 2.56 -16.40 6.86
C GLY B 197 3.34 -17.60 7.36
N ILE B 198 3.32 -17.83 8.68
CA ILE B 198 4.07 -18.91 9.32
C ILE B 198 3.17 -20.14 9.42
N ILE B 199 3.35 -21.02 8.44
CA ILE B 199 2.54 -22.22 8.30
C ILE B 199 3.39 -23.40 8.76
N ARG B 200 2.76 -24.30 9.50
CA ARG B 200 3.44 -25.48 10.02
C ARG B 200 4.12 -26.28 8.90
N THR B 201 5.38 -26.65 9.15
CA THR B 201 6.12 -27.52 8.27
C THR B 201 6.73 -28.64 9.10
N ASP B 202 7.29 -29.63 8.41
CA ASP B 202 8.05 -30.70 9.11
C ASP B 202 9.21 -30.04 9.84
N MET B 203 9.37 -30.30 11.15
CA MET B 203 10.36 -29.56 11.94
C MET B 203 10.94 -30.36 13.08
N THR B 204 12.20 -30.04 13.37
CA THR B 204 12.84 -30.60 14.57
C THR B 204 12.27 -29.91 15.78
N ALA B 205 12.28 -30.61 16.90
CA ALA B 205 11.83 -30.03 18.16
C ALA B 205 12.55 -28.73 18.47
N LYS B 206 13.86 -28.66 18.22
CA LYS B 206 14.62 -27.46 18.55
C LYS B 206 14.05 -26.23 17.85
N VAL B 207 13.80 -26.37 16.55
CA VAL B 207 13.31 -25.27 15.74
C VAL B 207 11.86 -24.95 16.08
N ALA B 208 11.03 -25.99 16.17
CA ALA B 208 9.62 -25.80 16.51
C ALA B 208 9.38 -25.11 17.84
N ALA B 209 10.19 -25.47 18.84
CA ALA B 209 10.12 -24.84 20.17
C ALA B 209 10.42 -23.35 20.10
N ARG B 210 11.35 -22.95 19.24
CA ARG B 210 11.72 -21.56 19.05
C ARG B 210 10.59 -20.79 18.39
N TYR B 211 10.08 -21.36 17.29
CA TYR B 211 8.95 -20.72 16.61
C TYR B 211 7.75 -20.63 17.52
N ASP B 212 7.52 -21.67 18.31
CA ASP B 212 6.38 -21.68 19.17
C ASP B 212 6.47 -20.56 20.23
N ALA B 213 7.67 -20.39 20.78
CA ALA B 213 7.90 -19.29 21.70
C ALA B 213 7.68 -17.90 21.03
N LEU B 214 8.15 -17.73 19.79
CA LEU B 214 7.91 -16.51 19.02
C LEU B 214 6.42 -16.27 18.75
N ILE B 215 5.73 -17.30 18.28
CA ILE B 215 4.29 -17.27 18.04
C ILE B 215 3.49 -16.94 19.31
N GLU B 216 3.78 -17.64 20.39
CA GLU B 216 3.09 -17.42 21.68
C GLU B 216 3.39 -16.04 22.23
N GLY B 217 4.57 -15.51 21.89
CA GLY B 217 4.97 -14.18 22.31
C GLY B 217 4.19 -13.09 21.60
N GLY B 218 3.48 -13.46 20.52
CA GLY B 218 2.63 -12.54 19.79
C GLY B 218 3.26 -12.04 18.49
N LEU B 219 4.37 -12.61 18.01
CA LEU B 219 4.84 -12.32 16.64
C LEU B 219 3.65 -12.52 15.68
N VAL B 220 2.87 -13.55 15.95
CA VAL B 220 1.65 -13.80 15.21
C VAL B 220 0.51 -13.42 16.14
N PRO B 221 -0.26 -12.38 15.78
CA PRO B 221 -1.34 -11.92 16.70
C PRO B 221 -2.28 -13.03 17.15
N MET B 222 -2.62 -13.96 16.26
CA MET B 222 -3.56 -15.06 16.59
C MET B 222 -2.91 -16.13 17.47
N LYS B 223 -1.59 -16.04 17.67
CA LYS B 223 -0.88 -16.92 18.59
C LYS B 223 -1.07 -18.39 18.31
N ARG B 224 -1.07 -18.75 17.04
CA ARG B 224 -1.00 -20.16 16.69
C ARG B 224 -0.29 -20.32 15.35
N TRP B 225 0.23 -21.54 15.12
CA TRP B 225 0.67 -21.92 13.79
C TRP B 225 -0.49 -21.81 12.81
N GLY B 226 -0.21 -21.36 11.59
CA GLY B 226 -1.12 -21.64 10.48
C GLY B 226 -0.95 -23.09 10.07
N GLU B 227 -2.03 -23.70 9.57
CA GLU B 227 -2.01 -25.06 9.08
C GLU B 227 -2.23 -25.02 7.56
N ALA B 228 -1.75 -26.04 6.86
CA ALA B 228 -2.02 -26.15 5.43
C ALA B 228 -3.55 -26.05 5.19
N SER B 229 -4.34 -26.58 6.12
CA SER B 229 -5.80 -26.53 5.98
C SER B 229 -6.39 -25.13 6.06
N ASP B 230 -5.70 -24.21 6.72
CA ASP B 230 -6.13 -22.80 6.75
C ASP B 230 -6.03 -22.25 5.32
N VAL B 231 -4.86 -22.43 4.70
CA VAL B 231 -4.66 -21.94 3.35
C VAL B 231 -5.61 -22.63 2.41
N GLY B 232 -5.78 -23.94 2.58
CA GLY B 232 -6.72 -24.68 1.77
C GLY B 232 -8.16 -24.15 1.82
N ALA B 233 -8.63 -23.86 3.02
CA ALA B 233 -10.02 -23.42 3.19
C ALA B 233 -10.22 -22.05 2.54
N ILE B 234 -9.21 -21.21 2.66
CA ILE B 234 -9.24 -19.89 2.01
C ILE B 234 -9.29 -20.04 0.51
N VAL B 235 -8.41 -20.86 -0.03
CA VAL B 235 -8.37 -21.07 -1.46
C VAL B 235 -9.69 -21.66 -2.00
N ALA B 236 -10.23 -22.65 -1.31
CA ALA B 236 -11.48 -23.27 -1.73
C ALA B 236 -12.65 -22.29 -1.69
N GLY B 237 -12.62 -21.41 -0.71
CA GLY B 237 -13.55 -20.29 -0.63
C GLY B 237 -13.51 -19.40 -1.87
N LEU B 238 -12.32 -19.01 -2.26
CA LEU B 238 -12.17 -18.20 -3.45
C LEU B 238 -12.52 -18.94 -4.76
N ALA B 239 -12.24 -20.22 -4.80
CA ALA B 239 -12.48 -21.02 -6.04
C ALA B 239 -13.94 -21.35 -6.27
N GLY B 240 -14.79 -21.15 -5.26
CA GLY B 240 -16.19 -21.57 -5.39
C GLY B 240 -17.08 -20.60 -6.12
N GLY B 241 -16.56 -19.40 -6.47
CA GLY B 241 -17.29 -18.46 -7.28
C GLY B 241 -17.91 -17.26 -6.56
N ASP B 242 -17.97 -17.32 -5.24
CA ASP B 242 -18.67 -16.26 -4.49
C ASP B 242 -17.86 -14.97 -4.47
N PHE B 243 -16.57 -15.07 -4.81
CA PHE B 243 -15.68 -13.91 -4.77
C PHE B 243 -15.39 -13.34 -6.15
N ILE B 244 -16.14 -13.71 -7.17
CA ILE B 244 -15.82 -13.29 -8.53
C ILE B 244 -15.70 -11.77 -8.65
N PHE B 245 -16.61 -11.04 -8.00
CA PHE B 245 -16.59 -9.58 -8.11
C PHE B 245 -15.49 -8.96 -7.26
N ALA B 246 -14.74 -9.77 -6.52
CA ALA B 246 -13.61 -9.31 -5.72
C ALA B 246 -12.29 -9.57 -6.44
N THR B 247 -12.36 -9.83 -7.74
CA THR B 247 -11.15 -10.08 -8.52
C THR B 247 -10.09 -8.99 -8.27
N GLY B 248 -8.84 -9.43 -8.17
CA GLY B 248 -7.72 -8.53 -7.81
C GLY B 248 -7.43 -8.42 -6.34
N SER B 249 -8.27 -9.02 -5.48
CA SER B 249 -8.06 -8.94 -4.01
C SER B 249 -6.90 -9.82 -3.59
N ALA B 250 -6.23 -9.38 -2.54
CA ALA B 250 -5.17 -10.14 -1.88
C ALA B 250 -5.67 -10.51 -0.48
N ILE B 251 -5.46 -11.75 -0.10
CA ILE B 251 -5.90 -12.29 1.21
C ILE B 251 -4.63 -12.69 1.95
N HIS B 252 -4.41 -12.24 3.19
N HIS B 252 -4.50 -12.24 3.18
CA HIS B 252 -3.22 -12.66 3.94
CA HIS B 252 -3.50 -12.71 4.05
C HIS B 252 -3.54 -13.76 4.95
C HIS B 252 -3.94 -14.09 4.53
N ALA B 253 -2.99 -14.98 4.73
CA ALA B 253 -3.29 -16.18 5.46
C ALA B 253 -2.17 -16.37 6.48
N ASP B 254 -2.20 -15.51 7.51
CA ASP B 254 -1.03 -15.30 8.37
C ASP B 254 -1.36 -14.98 9.83
N GLY B 255 -2.61 -15.12 10.26
CA GLY B 255 -2.96 -14.89 11.67
C GLY B 255 -2.75 -13.47 12.11
N GLY B 256 -2.69 -12.57 11.14
CA GLY B 256 -2.43 -11.16 11.38
C GLY B 256 -0.97 -10.72 11.36
N LEU B 257 -0.06 -11.61 10.99
CA LEU B 257 1.39 -11.31 10.95
C LEU B 257 1.73 -10.02 10.21
N SER B 258 1.08 -9.83 9.07
CA SER B 258 1.39 -8.74 8.17
C SER B 258 0.65 -7.45 8.47
N ILE B 259 -0.17 -7.43 9.51
CA ILE B 259 -0.72 -6.15 9.96
C ILE B 259 0.40 -5.26 10.47
N ALA B 260 0.46 -4.03 9.96
CA ALA B 260 1.54 -3.12 10.32
C ALA B 260 1.19 -2.54 11.65
N LYS B 261 2.02 -2.77 12.63
CA LYS B 261 1.70 -2.36 14.00
C LYS B 261 2.89 -1.72 14.64
N LEU B 262 2.60 -0.81 15.57
CA LEU B 262 3.60 -0.13 16.36
C LEU B 262 3.23 -0.32 17.82
N SER C 10 5.30 44.16 -3.38
CA SER C 10 5.43 42.68 -3.60
C SER C 10 6.41 42.05 -2.62
N ARG C 11 6.03 40.92 -2.03
CA ARG C 11 6.92 40.28 -1.07
C ARG C 11 8.17 39.73 -1.79
N GLN C 12 9.28 39.81 -1.08
CA GLN C 12 10.58 39.46 -1.59
C GLN C 12 11.08 38.14 -1.01
N ARG C 13 10.37 37.62 0.00
CA ARG C 13 10.67 36.32 0.59
C ARG C 13 9.35 35.53 0.65
N PRO C 14 9.45 34.21 0.43
CA PRO C 14 8.23 33.42 0.53
C PRO C 14 7.78 33.33 1.99
N VAL C 15 6.47 33.13 2.18
CA VAL C 15 5.87 33.11 3.51
C VAL C 15 5.39 31.69 3.83
N ALA C 16 5.86 31.14 4.95
CA ALA C 16 5.40 29.84 5.47
C ALA C 16 4.57 30.05 6.73
N LEU C 17 3.39 29.44 6.74
CA LEU C 17 2.51 29.42 7.89
C LEU C 17 2.69 28.03 8.51
N VAL C 18 3.24 28.01 9.73
CA VAL C 18 3.53 26.75 10.44
C VAL C 18 2.62 26.69 11.64
N THR C 19 1.68 25.76 11.63
CA THR C 19 0.79 25.61 12.78
C THR C 19 1.50 24.84 13.90
N GLY C 20 1.25 25.23 15.15
CA GLY C 20 1.99 24.63 16.25
C GLY C 20 3.47 24.87 16.16
N GLY C 21 3.85 26.04 15.67
CA GLY C 21 5.23 26.31 15.29
C GLY C 21 6.16 26.81 16.37
N ARG C 22 5.74 26.87 17.61
CA ARG C 22 6.66 27.43 18.58
C ARG C 22 7.30 26.43 19.54
N ARG C 23 6.99 25.14 19.36
CA ARG C 23 7.58 24.11 20.18
C ARG C 23 7.80 22.86 19.34
N GLY C 24 8.76 22.02 19.76
CA GLY C 24 8.86 20.65 19.25
C GLY C 24 9.11 20.55 17.75
N ILE C 25 8.42 19.62 17.11
CA ILE C 25 8.63 19.45 15.65
C ILE C 25 8.35 20.74 14.86
N GLY C 26 7.27 21.42 15.23
CA GLY C 26 6.88 22.66 14.56
C GLY C 26 7.98 23.72 14.60
N LEU C 27 8.63 23.84 15.75
CA LEU C 27 9.73 24.78 15.88
C LEU C 27 10.97 24.35 15.05
N GLY C 28 11.27 23.05 14.99
CA GLY C 28 12.31 22.55 14.07
C GLY C 28 12.02 22.89 12.61
N ILE C 29 10.75 22.79 12.22
CA ILE C 29 10.32 23.13 10.89
C ILE C 29 10.48 24.64 10.64
N ALA C 30 10.01 25.43 11.60
CA ALA C 30 10.12 26.88 11.47
C ALA C 30 11.57 27.29 11.32
N ARG C 31 12.45 26.72 12.14
CA ARG C 31 13.87 27.07 12.07
C ARG C 31 14.45 26.73 10.70
N ALA C 32 14.12 25.56 10.19
CA ALA C 32 14.65 25.15 8.92
C ALA C 32 14.16 26.04 7.78
N LEU C 33 12.88 26.38 7.81
CA LEU C 33 12.32 27.25 6.79
C LEU C 33 12.92 28.64 6.85
N ALA C 34 13.07 29.20 8.05
CA ALA C 34 13.69 30.52 8.19
C ALA C 34 15.12 30.51 7.64
N ALA C 35 15.86 29.46 7.93
CA ALA C 35 17.25 29.36 7.44
C ALA C 35 17.31 29.24 5.91
N LYS C 36 16.25 28.72 5.28
CA LYS C 36 16.15 28.55 3.84
C LYS C 36 15.63 29.83 3.15
N GLY C 37 15.23 30.84 3.92
CA GLY C 37 14.87 32.13 3.38
C GLY C 37 13.40 32.47 3.44
N PHE C 38 12.63 31.72 4.24
CA PHE C 38 11.21 32.00 4.40
C PHE C 38 10.94 33.02 5.49
N ASP C 39 9.94 33.86 5.30
CA ASP C 39 9.30 34.57 6.41
C ASP C 39 8.28 33.61 7.07
N LEU C 40 7.97 33.86 8.35
CA LEU C 40 7.20 32.87 9.14
C LEU C 40 6.00 33.48 9.80
N ALA C 41 4.86 32.84 9.56
CA ALA C 41 3.64 33.06 10.34
C ALA C 41 3.46 31.82 11.23
N ILE C 42 3.61 32.00 12.53
CA ILE C 42 3.58 30.91 13.48
C ILE C 42 2.23 30.96 14.18
N THR C 43 1.53 29.84 14.27
CA THR C 43 0.33 29.81 15.09
C THR C 43 0.48 28.86 16.26
N ASP C 44 -0.23 29.18 17.34
CA ASP C 44 -0.36 28.26 18.47
CA ASP C 44 -0.35 28.28 18.48
C ASP C 44 -1.41 28.86 19.41
N ARG C 45 -1.80 28.06 20.40
CA ARG C 45 -2.79 28.52 21.38
C ARG C 45 -2.25 29.67 22.22
N GLU C 46 -0.96 29.63 22.52
CA GLU C 46 -0.27 30.67 23.30
C GLU C 46 1.08 30.95 22.64
N SER C 47 1.57 32.19 22.72
CA SER C 47 2.89 32.47 22.16
C SER C 47 4.01 32.10 23.14
N ASP C 48 5.23 32.19 22.63
CA ASP C 48 6.44 32.14 23.42
C ASP C 48 7.33 33.19 22.75
N GLU C 49 7.35 34.40 23.30
CA GLU C 49 8.05 35.51 22.67
C GLU C 49 9.56 35.27 22.57
N ALA C 50 10.11 34.46 23.48
CA ALA C 50 11.51 34.06 23.41
C ALA C 50 11.84 33.30 22.13
N VAL C 51 10.96 32.37 21.80
CA VAL C 51 11.09 31.57 20.58
C VAL C 51 10.96 32.45 19.35
N ILE C 52 9.97 33.34 19.34
CA ILE C 52 9.76 34.24 18.20
C ILE C 52 11.02 35.09 18.01
N HIS C 53 11.59 35.58 19.10
CA HIS C 53 12.82 36.34 19.00
C HIS C 53 13.98 35.51 18.45
N GLU C 54 14.15 34.28 18.94
CA GLU C 54 15.16 33.36 18.43
C GLU C 54 14.95 33.12 16.92
N LEU C 55 13.71 32.95 16.46
CA LEU C 55 13.45 32.74 15.03
C LEU C 55 13.83 33.99 14.22
N ARG C 56 13.61 35.18 14.78
CA ARG C 56 14.05 36.40 14.06
C ARG C 56 15.57 36.45 13.86
N GLY C 57 16.33 35.74 14.70
CA GLY C 57 17.78 35.67 14.58
C GLY C 57 18.25 34.98 13.31
N LEU C 58 17.40 34.18 12.69
CA LEU C 58 17.75 33.53 11.43
C LEU C 58 17.60 34.46 10.22
N GLY C 59 17.20 35.72 10.47
CA GLY C 59 17.35 36.82 9.49
C GLY C 59 16.14 37.20 8.66
N GLY C 60 14.95 36.68 9.00
CA GLY C 60 13.69 37.03 8.33
C GLY C 60 12.65 37.65 9.24
N LYS C 61 11.44 37.81 8.70
CA LYS C 61 10.28 38.35 9.42
C LYS C 61 9.57 37.18 10.07
N VAL C 62 9.10 37.39 11.31
CA VAL C 62 8.38 36.36 12.05
C VAL C 62 7.25 37.03 12.81
N ALA C 63 6.06 36.45 12.72
CA ALA C 63 4.90 36.95 13.43
C ALA C 63 4.13 35.79 14.01
N PHE C 64 3.52 36.04 15.17
CA PHE C 64 2.70 35.06 15.84
C PHE C 64 1.20 35.40 15.75
N PHE C 65 0.41 34.33 15.62
CA PHE C 65 -1.05 34.41 15.47
C PHE C 65 -1.66 33.38 16.41
N LYS C 66 -2.44 33.86 17.36
CA LYS C 66 -3.10 32.97 18.31
C LYS C 66 -4.19 32.22 17.59
N SER C 67 -4.20 30.89 17.74
CA SER C 67 -5.17 30.05 17.06
C SER C 67 -5.30 28.70 17.77
N ASP C 68 -6.54 28.28 17.98
CA ASP C 68 -6.87 26.94 18.37
C ASP C 68 -7.28 26.20 17.11
N LEU C 69 -6.49 25.20 16.72
CA LEU C 69 -6.72 24.48 15.47
C LEU C 69 -8.14 23.90 15.41
N ALA C 70 -8.66 23.48 16.56
CA ALA C 70 -9.99 22.87 16.62
C ALA C 70 -11.13 23.85 16.39
N ALA C 71 -10.85 25.13 16.61
CA ALA C 71 -11.89 26.20 16.50
C ALA C 71 -12.03 26.66 15.06
N VAL C 72 -12.72 25.83 14.26
CA VAL C 72 -12.79 26.07 12.81
CA VAL C 72 -12.84 26.06 12.82
C VAL C 72 -13.49 27.41 12.47
N LYS C 73 -14.39 27.88 13.31
CA LYS C 73 -15.04 29.18 13.05
C LYS C 73 -14.10 30.36 13.07
N THR C 74 -12.91 30.16 13.66
CA THR C 74 -11.90 31.20 13.80
C THR C 74 -10.84 31.20 12.67
N HIS C 75 -10.83 30.16 11.83
CA HIS C 75 -9.75 30.00 10.85
C HIS C 75 -9.71 31.08 9.81
N GLU C 76 -10.86 31.52 9.30
CA GLU C 76 -10.83 32.54 8.29
C GLU C 76 -10.19 33.82 8.84
N ALA C 77 -10.57 34.21 10.06
CA ALA C 77 -10.00 35.40 10.68
C ALA C 77 -8.47 35.27 10.80
N THR C 78 -8.01 34.09 11.19
CA THR C 78 -6.55 33.84 11.29
C THR C 78 -5.87 34.01 9.93
N VAL C 79 -6.45 33.43 8.89
CA VAL C 79 -5.86 33.57 7.56
C VAL C 79 -5.86 35.04 7.12
N PHE C 80 -6.94 35.75 7.39
CA PHE C 80 -6.92 37.20 7.09
C PHE C 80 -5.81 37.93 7.81
N ALA C 81 -5.58 37.57 9.06
CA ALA C 81 -4.55 38.24 9.86
C ALA C 81 -3.17 37.98 9.24
N VAL C 82 -2.94 36.76 8.79
CA VAL C 82 -1.69 36.40 8.12
C VAL C 82 -1.56 37.17 6.80
N LEU C 83 -2.61 37.25 6.01
CA LEU C 83 -2.62 38.01 4.77
C LEU C 83 -2.38 39.51 4.99
N ASP C 84 -3.03 40.04 6.03
CA ASP C 84 -2.84 41.45 6.36
C ASP C 84 -1.38 41.74 6.70
N ALA C 85 -0.71 40.79 7.36
CA ALA C 85 0.69 40.98 7.80
C ALA C 85 1.71 40.76 6.67
N PHE C 86 1.44 39.78 5.81
CA PHE C 86 2.44 39.28 4.88
C PHE C 86 2.08 39.42 3.41
N GLY C 87 0.79 39.60 3.09
CA GLY C 87 0.35 39.74 1.69
C GLY C 87 -0.03 38.48 0.96
N GLY C 88 0.45 37.34 1.42
CA GLY C 88 0.19 36.06 0.80
C GLY C 88 0.83 34.93 1.59
N ILE C 89 0.46 33.70 1.23
CA ILE C 89 0.98 32.51 1.88
C ILE C 89 1.50 31.62 0.77
N ASP C 90 2.77 31.25 0.85
CA ASP C 90 3.37 30.35 -0.14
C ASP C 90 3.48 28.90 0.33
N CYS C 91 3.63 28.69 1.63
CA CYS C 91 3.78 27.34 2.18
C CYS C 91 2.92 27.23 3.42
N LEU C 92 2.05 26.22 3.47
CA LEU C 92 1.39 25.86 4.71
C LEU C 92 1.99 24.57 5.24
N VAL C 93 2.43 24.56 6.49
CA VAL C 93 2.81 23.35 7.17
C VAL C 93 1.78 23.05 8.27
N ASN C 94 0.99 22.01 8.02
CA ASN C 94 0.04 21.50 8.97
C ASN C 94 0.77 20.60 9.98
N ASN C 95 1.30 21.21 11.02
CA ASN C 95 2.02 20.52 12.07
C ASN C 95 1.25 20.32 13.37
N ALA C 96 0.39 21.28 13.72
CA ALA C 96 -0.32 21.22 14.97
C ALA C 96 -1.08 19.90 15.11
N GLY C 97 -1.07 19.38 16.31
CA GLY C 97 -1.77 18.13 16.57
C GLY C 97 -1.63 17.76 18.02
N MET C 98 -2.21 16.63 18.38
CA MET C 98 -2.13 16.13 19.75
C MET C 98 -2.10 14.59 19.73
N GLY C 99 -1.56 14.03 20.79
CA GLY C 99 -1.70 12.61 21.06
C GLY C 99 -3.02 12.28 21.73
N ALA C 100 -3.32 10.98 21.79
CA ALA C 100 -4.52 10.51 22.45
C ALA C 100 -4.57 11.02 23.90
N VAL C 101 -5.77 11.38 24.33
CA VAL C 101 -5.97 11.88 25.68
C VAL C 101 -5.57 10.81 26.69
N GLU C 102 -5.98 9.58 26.40
CA GLU C 102 -5.73 8.44 27.26
C GLU C 102 -5.29 7.29 26.34
N ARG C 103 -4.30 6.53 26.74
CA ARG C 103 -3.97 5.30 26.02
C ARG C 103 -4.53 4.15 26.83
N GLY C 104 -5.00 3.10 26.14
CA GLY C 104 -5.40 1.89 26.81
C GLY C 104 -6.27 1.03 25.92
N ASP C 105 -6.91 0.05 26.54
CA ASP C 105 -7.71 -0.92 25.78
C ASP C 105 -8.75 -0.15 24.96
N PHE C 106 -8.90 -0.53 23.70
CA PHE C 106 -9.95 -0.02 22.86
C PHE C 106 -11.33 -0.15 23.53
N LEU C 107 -11.54 -1.23 24.28
CA LEU C 107 -12.84 -1.39 24.96
C LEU C 107 -13.17 -0.27 25.94
N ALA C 108 -12.16 0.46 26.39
CA ALA C 108 -12.37 1.56 27.32
C ALA C 108 -12.32 2.94 26.67
N LEU C 109 -12.10 2.98 25.35
CA LEU C 109 -12.04 4.26 24.64
C LEU C 109 -13.34 5.03 24.82
N LYS C 110 -13.21 6.31 25.18
CA LYS C 110 -14.34 7.17 25.44
C LYS C 110 -14.64 8.02 24.21
N PRO C 111 -15.91 8.10 23.81
CA PRO C 111 -16.28 8.94 22.67
C PRO C 111 -15.81 10.39 22.81
N GLU C 112 -15.90 10.97 24.03
CA GLU C 112 -15.43 12.34 24.18
C GLU C 112 -13.95 12.53 23.90
N ASN C 113 -13.15 11.52 24.20
CA ASN C 113 -11.72 11.61 23.91
C ASN C 113 -11.43 11.42 22.39
N PHE C 114 -12.14 10.50 21.78
CA PHE C 114 -12.12 10.35 20.32
C PHE C 114 -12.48 11.69 19.67
N ASP C 115 -13.52 12.36 20.16
CA ASP C 115 -13.94 13.65 19.61
C ASP C 115 -12.87 14.72 19.76
N THR C 116 -12.27 14.81 20.94
CA THR C 116 -11.24 15.82 21.17
C THR C 116 -10.13 15.69 20.13
N ILE C 117 -9.64 14.48 19.93
CA ILE C 117 -8.49 14.30 19.03
C ILE C 117 -8.90 14.40 17.56
N MET C 118 -10.10 13.93 17.21
CA MET C 118 -10.53 14.10 15.84
CA MET C 118 -10.62 14.12 15.83
C MET C 118 -10.77 15.60 15.51
N ASP C 119 -11.27 16.34 16.48
CA ASP C 119 -11.53 17.75 16.27
C ASP C 119 -10.25 18.53 16.05
N VAL C 120 -9.18 18.14 16.73
CA VAL C 120 -7.88 18.78 16.53
C VAL C 120 -7.20 18.25 15.28
N ASN C 121 -6.82 16.97 15.29
CA ASN C 121 -5.91 16.49 14.29
C ASN C 121 -6.51 16.42 12.89
N LEU C 122 -7.76 16.00 12.79
CA LEU C 122 -8.37 15.76 11.51
C LEU C 122 -9.28 16.92 11.05
N ARG C 123 -10.36 17.16 11.79
CA ARG C 123 -11.33 18.19 11.44
C ARG C 123 -10.63 19.57 11.38
N GLY C 124 -9.87 19.88 12.42
CA GLY C 124 -9.22 21.20 12.49
C GLY C 124 -8.26 21.41 11.32
N THR C 125 -7.46 20.39 11.05
CA THR C 125 -6.48 20.49 9.99
C THR C 125 -7.15 20.66 8.61
N VAL C 126 -8.18 19.84 8.37
CA VAL C 126 -8.90 19.87 7.13
C VAL C 126 -9.46 21.28 6.87
N PHE C 127 -10.11 21.86 7.86
CA PHE C 127 -10.77 23.18 7.64
C PHE C 127 -9.79 24.34 7.71
N PHE C 128 -8.69 24.19 8.46
CA PHE C 128 -7.65 25.23 8.41
C PHE C 128 -7.04 25.24 7.02
N THR C 129 -6.74 24.05 6.51
CA THR C 129 -6.25 23.94 5.15
C THR C 129 -7.22 24.56 4.17
N GLN C 130 -8.51 24.28 4.30
CA GLN C 130 -9.49 24.88 3.42
C GLN C 130 -9.38 26.43 3.41
N ALA C 131 -9.26 27.02 4.59
CA ALA C 131 -9.19 28.48 4.70
C ALA C 131 -7.97 29.02 4.01
N VAL C 132 -6.84 28.35 4.20
CA VAL C 132 -5.57 28.79 3.60
C VAL C 132 -5.62 28.64 2.10
N VAL C 133 -6.14 27.52 1.62
CA VAL C 133 -6.23 27.26 0.20
C VAL C 133 -7.12 28.28 -0.54
N LYS C 134 -8.21 28.69 0.07
CA LYS C 134 -9.02 29.72 -0.53
C LYS C 134 -8.18 30.95 -0.80
N ALA C 135 -7.32 31.30 0.15
CA ALA C 135 -6.45 32.44 -0.02
C ALA C 135 -5.41 32.21 -1.08
N MET C 136 -4.77 31.04 -1.08
CA MET C 136 -3.75 30.76 -2.09
C MET C 136 -4.32 30.78 -3.50
N LEU C 137 -5.52 30.24 -3.70
CA LEU C 137 -6.09 30.18 -5.04
C LEU C 137 -6.57 31.57 -5.50
N ALA C 138 -6.77 32.49 -4.56
CA ALA C 138 -7.10 33.87 -4.88
C ALA C 138 -5.90 34.79 -5.11
N ALA C 139 -4.68 34.27 -4.97
CA ALA C 139 -3.48 35.11 -5.06
C ALA C 139 -3.33 35.75 -6.43
N ASP C 140 -2.93 37.02 -6.46
CA ASP C 140 -2.81 37.74 -7.73
C ASP C 140 -1.40 37.66 -8.32
N GLU C 141 -0.46 37.15 -7.53
CA GLU C 141 0.92 36.96 -7.96
C GLU C 141 1.40 35.64 -7.37
N VAL C 142 2.16 34.90 -8.16
CA VAL C 142 2.80 33.66 -7.71
C VAL C 142 4.26 33.71 -8.11
N ARG C 143 5.09 34.27 -7.24
CA ARG C 143 6.50 34.44 -7.53
C ARG C 143 7.39 33.37 -6.94
N PHE C 144 6.85 32.55 -6.04
CA PHE C 144 7.60 31.56 -5.28
C PHE C 144 6.96 30.18 -5.44
N PRO C 145 7.75 29.12 -5.21
CA PRO C 145 7.17 27.78 -5.15
C PRO C 145 6.15 27.68 -4.01
N ARG C 146 5.07 26.93 -4.24
CA ARG C 146 4.05 26.84 -3.25
C ARG C 146 3.86 25.42 -2.84
N SER C 147 3.51 25.24 -1.57
CA SER C 147 3.34 23.90 -1.03
C SER C 147 2.43 23.85 0.15
N ILE C 148 1.87 22.66 0.37
CA ILE C 148 1.13 22.36 1.60
C ILE C 148 1.71 21.06 2.09
N VAL C 149 2.38 21.10 3.24
CA VAL C 149 3.06 19.91 3.80
C VAL C 149 2.34 19.53 5.07
N THR C 150 1.77 18.33 5.12
CA THR C 150 0.96 17.93 6.26
C THR C 150 1.76 16.91 7.06
N ILE C 151 1.96 17.21 8.35
CA ILE C 151 2.69 16.34 9.26
C ILE C 151 1.69 15.43 9.92
N SER C 152 1.66 14.17 9.47
CA SER C 152 0.71 13.19 10.04
C SER C 152 1.46 12.41 11.11
N SER C 153 1.81 11.15 10.82
CA SER C 153 2.48 10.26 11.76
C SER C 153 2.69 8.95 11.07
N VAL C 154 3.66 8.16 11.53
CA VAL C 154 3.71 6.75 11.14
C VAL C 154 2.41 6.01 11.50
N SER C 155 1.69 6.52 12.48
CA SER C 155 0.42 5.95 12.89
C SER C 155 -0.65 6.08 11.83
N SER C 156 -0.43 6.83 10.75
CA SER C 156 -1.32 6.82 9.58
C SER C 156 -1.37 5.43 8.95
N VAL C 157 -0.26 4.72 9.01
CA VAL C 157 -0.13 3.42 8.33
C VAL C 157 0.29 2.26 9.24
N MET C 158 0.64 2.52 10.49
CA MET C 158 0.98 1.47 11.47
C MET C 158 -0.03 1.61 12.58
N THR C 159 -0.70 0.53 12.93
CA THR C 159 -1.73 0.57 13.94
C THR C 159 -1.20 0.30 15.36
N SER C 160 -1.77 1.01 16.32
CA SER C 160 -1.47 0.83 17.74
C SER C 160 -2.79 0.68 18.47
N PRO C 161 -3.18 -0.57 18.79
CA PRO C 161 -4.52 -0.79 19.34
C PRO C 161 -4.83 -0.06 20.64
N GLU C 162 -3.82 0.39 21.38
CA GLU C 162 -4.04 1.15 22.60
C GLU C 162 -4.33 2.65 22.35
N ARG C 163 -4.30 3.08 21.09
CA ARG C 163 -4.58 4.48 20.78
C ARG C 163 -5.18 4.60 19.39
N LEU C 164 -6.28 3.89 19.17
CA LEU C 164 -6.84 3.87 17.81
C LEU C 164 -7.48 5.19 17.40
N ASP C 165 -7.87 6.01 18.36
CA ASP C 165 -8.34 7.35 18.05
C ASP C 165 -7.25 8.18 17.37
N TYR C 166 -6.02 8.11 17.91
CA TYR C 166 -4.89 8.81 17.30
C TYR C 166 -4.65 8.25 15.92
N CYS C 167 -4.61 6.91 15.81
CA CYS C 167 -4.31 6.30 14.52
C CYS C 167 -5.35 6.69 13.45
N ILE C 168 -6.61 6.59 13.82
CA ILE C 168 -7.68 6.93 12.90
C ILE C 168 -7.59 8.40 12.47
N SER C 169 -7.32 9.31 13.40
CA SER C 169 -7.19 10.73 13.06
C SER C 169 -6.10 10.95 12.01
N LYS C 170 -4.98 10.23 12.16
CA LYS C 170 -3.85 10.42 11.26
C LYS C 170 -4.09 9.74 9.92
N ALA C 171 -4.72 8.56 9.93
CA ALA C 171 -5.09 7.92 8.69
C ALA C 171 -6.06 8.78 7.87
N GLY C 172 -6.94 9.49 8.55
CA GLY C 172 -7.83 10.42 7.88
C GLY C 172 -7.05 11.50 7.13
N LEU C 173 -5.99 11.99 7.73
CA LEU C 173 -5.14 12.97 7.08
C LEU C 173 -4.48 12.43 5.87
N THR C 174 -4.04 11.17 5.93
CA THR C 174 -3.46 10.57 4.74
C THR C 174 -4.41 10.60 3.51
N ALA C 175 -5.66 10.22 3.73
CA ALA C 175 -6.66 10.27 2.70
C ALA C 175 -6.91 11.70 2.22
N PHE C 176 -7.00 12.63 3.16
CA PHE C 176 -7.21 14.04 2.85
C PHE C 176 -6.10 14.56 1.90
N VAL C 177 -4.85 14.26 2.22
CA VAL C 177 -3.71 14.77 1.45
C VAL C 177 -3.76 14.28 0.01
N GLN C 178 -4.16 13.02 -0.22
CA GLN C 178 -4.27 12.54 -1.59
C GLN C 178 -5.29 13.37 -2.43
N GLY C 179 -6.45 13.62 -1.82
CA GLY C 179 -7.48 14.39 -2.47
C GLY C 179 -7.02 15.83 -2.69
N LEU C 180 -6.41 16.40 -1.67
CA LEU C 180 -5.93 17.78 -1.76
C LEU C 180 -4.92 17.95 -2.88
N ALA C 181 -4.02 16.97 -3.02
CA ALA C 181 -3.02 17.00 -4.06
C ALA C 181 -3.66 17.05 -5.44
N LEU C 182 -4.73 16.27 -5.67
CA LEU C 182 -5.45 16.37 -6.93
C LEU C 182 -6.10 17.70 -7.11
N ARG C 183 -6.70 18.23 -6.05
CA ARG C 183 -7.41 19.48 -6.12
C ARG C 183 -6.49 20.61 -6.51
N LEU C 184 -5.24 20.55 -6.05
CA LEU C 184 -4.30 21.65 -6.25
C LEU C 184 -3.24 21.43 -7.31
N ALA C 185 -3.33 20.34 -8.05
CA ALA C 185 -2.27 20.02 -8.99
C ALA C 185 -2.18 21.03 -10.13
N GLU C 186 -3.30 21.46 -10.68
CA GLU C 186 -3.30 22.45 -11.77
CA GLU C 186 -3.29 22.43 -11.79
C GLU C 186 -2.74 23.78 -11.33
N ALA C 187 -3.03 24.18 -10.10
CA ALA C 187 -2.47 25.37 -9.49
C ALA C 187 -0.99 25.26 -9.13
N ARG C 188 -0.38 24.09 -9.33
CA ARG C 188 1.04 23.88 -9.08
C ARG C 188 1.42 24.20 -7.62
N ILE C 189 0.55 23.76 -6.70
CA ILE C 189 0.84 23.79 -5.28
C ILE C 189 1.21 22.34 -4.91
N GLY C 190 2.45 22.11 -4.55
CA GLY C 190 2.91 20.76 -4.22
C GLY C 190 2.31 20.35 -2.89
N VAL C 191 1.72 19.17 -2.84
CA VAL C 191 1.01 18.70 -1.64
C VAL C 191 1.63 17.40 -1.16
N PHE C 192 2.10 17.38 0.07
CA PHE C 192 2.93 16.26 0.58
C PHE C 192 2.52 15.85 1.96
N GLU C 193 2.77 14.59 2.29
CA GLU C 193 2.57 14.08 3.65
C GLU C 193 3.92 13.68 4.20
N VAL C 194 4.21 14.11 5.41
CA VAL C 194 5.38 13.70 6.14
C VAL C 194 4.96 12.97 7.43
N ARG C 195 5.49 11.76 7.64
CA ARG C 195 5.07 10.88 8.73
C ARG C 195 6.20 10.72 9.73
N PRO C 196 6.18 11.51 10.81
CA PRO C 196 7.27 11.34 11.78
C PRO C 196 7.14 10.06 12.57
N GLY C 197 8.29 9.49 12.93
CA GLY C 197 8.34 8.30 13.81
C GLY C 197 8.59 8.73 15.24
N ILE C 198 9.64 8.21 15.84
CA ILE C 198 9.99 8.45 17.24
C ILE C 198 10.95 9.62 17.29
N ILE C 199 10.36 10.79 17.57
CA ILE C 199 11.10 12.03 17.55
C ILE C 199 11.26 12.53 18.99
N ARG C 200 12.43 13.04 19.29
CA ARG C 200 12.81 13.50 20.66
C ARG C 200 11.88 14.60 21.18
N ALA C 208 11.78 8.31 28.47
CA ALA C 208 12.82 8.62 27.52
C ALA C 208 13.94 7.59 27.60
N ALA C 209 14.28 7.17 28.81
CA ALA C 209 15.18 6.04 29.02
C ALA C 209 14.59 4.73 28.45
N ARG C 210 13.26 4.60 28.55
CA ARG C 210 12.55 3.46 27.96
C ARG C 210 12.65 3.48 26.45
N TYR C 211 12.37 4.65 25.84
CA TYR C 211 12.48 4.79 24.40
C TYR C 211 13.92 4.52 23.94
N ASP C 212 14.91 5.05 24.69
CA ASP C 212 16.34 4.79 24.43
C ASP C 212 16.63 3.30 24.20
N ALA C 213 16.18 2.47 25.13
CA ALA C 213 16.50 1.05 25.07
C ALA C 213 15.86 0.41 23.83
N LEU C 214 14.58 0.73 23.58
CA LEU C 214 13.86 0.23 22.40
C LEU C 214 14.52 0.67 21.08
N ILE C 215 14.96 1.93 21.01
CA ILE C 215 15.69 2.44 19.83
C ILE C 215 17.04 1.69 19.63
N GLU C 216 17.82 1.63 20.71
CA GLU C 216 19.10 0.89 20.73
C GLU C 216 18.93 -0.58 20.35
N GLY C 217 17.82 -1.17 20.82
CA GLY C 217 17.47 -2.56 20.52
C GLY C 217 16.95 -2.80 19.11
N GLY C 218 16.89 -1.76 18.29
CA GLY C 218 16.64 -1.90 16.86
C GLY C 218 15.19 -1.75 16.39
N LEU C 219 14.28 -1.33 17.27
CA LEU C 219 12.90 -1.00 16.83
C LEU C 219 12.94 -0.01 15.64
N VAL C 220 13.85 0.95 15.79
CA VAL C 220 14.15 1.90 14.74
C VAL C 220 15.43 1.41 14.04
N PRO C 221 15.33 1.05 12.74
CA PRO C 221 16.53 0.51 12.07
C PRO C 221 17.77 1.40 12.14
N MET C 222 17.61 2.72 12.03
N MET C 222 17.61 2.71 12.03
CA MET C 222 18.74 3.65 12.10
CA MET C 222 18.76 3.60 12.12
C MET C 222 19.32 3.75 13.52
C MET C 222 19.32 3.76 13.52
N LYS C 223 18.59 3.25 14.52
CA LYS C 223 19.10 3.16 15.90
C LYS C 223 19.45 4.51 16.49
N ARG C 224 18.63 5.50 16.19
CA ARG C 224 18.72 6.79 16.85
C ARG C 224 17.37 7.45 16.96
N TRP C 225 17.27 8.39 17.90
CA TRP C 225 16.14 9.27 17.99
C TRP C 225 16.06 10.11 16.75
N GLY C 226 14.84 10.38 16.28
CA GLY C 226 14.65 11.46 15.33
C GLY C 226 14.75 12.78 16.08
N GLU C 227 15.13 13.81 15.35
CA GLU C 227 15.15 15.15 15.90
C GLU C 227 14.17 16.03 15.17
N ALA C 228 13.69 17.06 15.87
CA ALA C 228 12.87 18.06 15.18
C ALA C 228 13.58 18.56 13.89
N SER C 229 14.90 18.68 13.95
CA SER C 229 15.67 19.14 12.81
C SER C 229 15.65 18.16 11.63
N ASP C 230 15.47 16.87 11.88
CA ASP C 230 15.25 15.91 10.76
C ASP C 230 13.96 16.25 10.02
N VAL C 231 12.89 16.40 10.79
CA VAL C 231 11.62 16.72 10.18
C VAL C 231 11.71 18.07 9.49
N GLY C 232 12.34 19.04 10.16
CA GLY C 232 12.47 20.37 9.57
C GLY C 232 13.22 20.37 8.22
N ALA C 233 14.33 19.64 8.17
CA ALA C 233 15.12 19.60 6.93
C ALA C 233 14.33 18.99 5.76
N ILE C 234 13.56 17.94 6.06
CA ILE C 234 12.71 17.31 5.07
C ILE C 234 11.62 18.26 4.56
N VAL C 235 10.95 18.94 5.50
CA VAL C 235 9.92 19.87 5.14
C VAL C 235 10.49 21.00 4.31
N ALA C 236 11.62 21.55 4.73
CA ALA C 236 12.23 22.64 3.99
C ALA C 236 12.62 22.22 2.57
N GLY C 237 13.08 20.97 2.41
CA GLY C 237 13.33 20.42 1.08
C GLY C 237 12.07 20.44 0.21
N LEU C 238 10.98 19.96 0.77
CA LEU C 238 9.75 19.92 0.01
C LEU C 238 9.23 21.31 -0.32
N ALA C 239 9.42 22.25 0.59
CA ALA C 239 8.89 23.63 0.45
C ALA C 239 9.67 24.47 -0.56
N GLY C 240 10.87 24.02 -0.92
CA GLY C 240 11.75 24.78 -1.76
C GLY C 240 11.43 24.74 -3.24
N GLY C 241 10.52 23.85 -3.63
CA GLY C 241 10.03 23.82 -4.99
C GLY C 241 10.56 22.67 -5.85
N ASP C 242 11.62 22.00 -5.41
CA ASP C 242 12.24 20.99 -6.25
C ASP C 242 11.41 19.74 -6.36
N PHE C 243 10.42 19.58 -5.48
CA PHE C 243 9.59 18.38 -5.44
C PHE C 243 8.19 18.62 -6.01
N ILE C 244 7.99 19.72 -6.73
CA ILE C 244 6.65 20.05 -7.22
C ILE C 244 6.05 18.90 -8.02
N PHE C 245 6.86 18.23 -8.85
CA PHE C 245 6.31 17.18 -9.73
C PHE C 245 6.07 15.88 -8.96
N ALA C 246 6.42 15.86 -7.69
CA ALA C 246 6.19 14.72 -6.80
C ALA C 246 4.99 14.95 -5.89
N THR C 247 4.16 15.89 -6.25
CA THR C 247 2.94 16.12 -5.48
C THR C 247 2.17 14.83 -5.23
N GLY C 248 1.65 14.70 -4.00
CA GLY C 248 0.95 13.49 -3.58
C GLY C 248 1.87 12.51 -2.87
N SER C 249 3.16 12.75 -2.86
CA SER C 249 4.10 11.82 -2.25
C SER C 249 4.01 11.89 -0.71
N ALA C 250 4.32 10.75 -0.07
CA ALA C 250 4.43 10.66 1.37
C ALA C 250 5.89 10.31 1.70
N ILE C 251 6.44 10.96 2.70
CA ILE C 251 7.83 10.76 3.14
C ILE C 251 7.74 10.29 4.57
N HIS C 252 8.43 9.22 4.95
N HIS C 252 8.41 9.19 4.90
CA HIS C 252 8.38 8.86 6.37
CA HIS C 252 8.49 8.89 6.29
C HIS C 252 9.67 9.17 7.11
C HIS C 252 9.69 9.63 6.90
N ALA C 253 9.56 10.03 8.12
CA ALA C 253 10.69 10.64 8.79
C ALA C 253 10.82 9.89 10.10
N ASP C 254 11.31 8.66 9.97
CA ASP C 254 11.20 7.68 11.05
C ASP C 254 12.37 6.74 11.18
N GLY C 255 13.47 7.01 10.46
CA GLY C 255 14.64 6.16 10.59
C GLY C 255 14.41 4.73 10.15
N GLY C 256 13.38 4.52 9.33
CA GLY C 256 13.02 3.21 8.82
C GLY C 256 12.00 2.45 9.64
N LEU C 257 11.47 3.08 10.68
CA LEU C 257 10.51 2.40 11.58
C LEU C 257 9.36 1.74 10.83
N SER C 258 8.82 2.43 9.82
CA SER C 258 7.61 1.96 9.12
C SER C 258 7.87 1.01 7.95
N ILE C 259 9.14 0.67 7.72
CA ILE C 259 9.43 -0.38 6.73
C ILE C 259 8.89 -1.70 7.28
N ALA C 260 8.07 -2.36 6.49
CA ALA C 260 7.43 -3.61 6.91
C ALA C 260 8.45 -4.73 6.80
N LYS C 261 8.84 -5.29 7.93
CA LYS C 261 9.93 -6.25 7.98
C LYS C 261 9.47 -7.46 8.70
N LEU C 262 10.03 -8.59 8.30
CA LEU C 262 9.76 -9.85 8.94
C LEU C 262 11.08 -10.50 9.31
N SER D 10 -29.20 -22.08 25.08
CA SER D 10 -27.89 -22.21 24.33
C SER D 10 -28.12 -22.29 22.81
N ARG D 11 -27.74 -21.24 22.08
CA ARG D 11 -28.18 -21.16 20.69
C ARG D 11 -27.59 -22.25 19.80
N GLN D 12 -28.38 -22.67 18.82
CA GLN D 12 -28.07 -23.78 17.91
C GLN D 12 -27.73 -23.29 16.52
N ARG D 13 -27.95 -21.98 16.27
CA ARG D 13 -27.59 -21.33 15.02
C ARG D 13 -26.80 -20.09 15.38
N PRO D 14 -25.82 -19.75 14.53
CA PRO D 14 -25.07 -18.55 14.83
C PRO D 14 -25.94 -17.31 14.56
N VAL D 15 -25.54 -16.19 15.15
CA VAL D 15 -26.30 -14.94 15.09
C VAL D 15 -25.43 -13.87 14.42
N ALA D 16 -25.99 -13.26 13.39
CA ALA D 16 -25.37 -12.15 12.70
C ALA D 16 -26.19 -10.89 12.95
N LEU D 17 -25.50 -9.85 13.40
CA LEU D 17 -26.05 -8.51 13.58
C LEU D 17 -25.62 -7.70 12.39
N VAL D 18 -26.59 -7.33 11.54
CA VAL D 18 -26.29 -6.56 10.30
C VAL D 18 -26.86 -5.17 10.45
N THR D 19 -25.99 -4.18 10.56
CA THR D 19 -26.46 -2.82 10.66
C THR D 19 -26.90 -2.27 9.31
N GLY D 20 -27.98 -1.49 9.31
CA GLY D 20 -28.55 -1.03 8.08
C GLY D 20 -28.98 -2.17 7.17
N GLY D 21 -29.53 -3.23 7.77
CA GLY D 21 -29.83 -4.45 7.04
C GLY D 21 -31.19 -4.48 6.34
N ARG D 22 -31.95 -3.40 6.36
CA ARG D 22 -33.30 -3.43 5.81
C ARG D 22 -33.36 -3.18 4.30
N ARG D 23 -32.28 -2.70 3.71
CA ARG D 23 -32.32 -2.40 2.27
C ARG D 23 -30.92 -2.43 1.69
N GLY D 24 -30.85 -2.40 0.37
CA GLY D 24 -29.59 -2.27 -0.36
C GLY D 24 -28.56 -3.34 -0.04
N ILE D 25 -27.29 -2.95 0.10
CA ILE D 25 -26.23 -3.93 0.36
C ILE D 25 -26.51 -4.70 1.65
N GLY D 26 -26.93 -3.99 2.68
CA GLY D 26 -27.23 -4.62 3.95
C GLY D 26 -28.24 -5.74 3.83
N LEU D 27 -29.28 -5.51 3.07
CA LEU D 27 -30.28 -6.58 2.86
C LEU D 27 -29.72 -7.73 2.07
N GLY D 28 -28.86 -7.44 1.10
CA GLY D 28 -28.23 -8.52 0.36
C GLY D 28 -27.32 -9.36 1.26
N ILE D 29 -26.62 -8.71 2.17
CA ILE D 29 -25.84 -9.42 3.15
C ILE D 29 -26.73 -10.26 4.10
N ALA D 30 -27.80 -9.67 4.59
CA ALA D 30 -28.70 -10.38 5.50
C ALA D 30 -29.27 -11.64 4.83
N ARG D 31 -29.68 -11.50 3.56
CA ARG D 31 -30.21 -12.65 2.82
C ARG D 31 -29.16 -13.75 2.70
N ALA D 32 -27.95 -13.37 2.32
CA ALA D 32 -26.88 -14.38 2.14
C ALA D 32 -26.57 -15.10 3.45
N LEU D 33 -26.56 -14.34 4.54
CA LEU D 33 -26.29 -14.92 5.84
C LEU D 33 -27.41 -15.84 6.28
N ALA D 34 -28.67 -15.44 6.09
CA ALA D 34 -29.76 -16.33 6.50
C ALA D 34 -29.74 -17.62 5.68
N ALA D 35 -29.45 -17.50 4.38
CA ALA D 35 -29.36 -18.69 3.52
C ALA D 35 -28.24 -19.62 3.96
N LYS D 36 -27.19 -19.10 4.58
CA LYS D 36 -26.12 -19.92 5.11
C LYS D 36 -26.37 -20.49 6.50
N GLY D 37 -27.50 -20.16 7.11
CA GLY D 37 -27.89 -20.71 8.39
C GLY D 37 -27.76 -19.79 9.59
N PHE D 38 -27.55 -18.48 9.35
CA PHE D 38 -27.51 -17.56 10.45
C PHE D 38 -28.89 -17.05 10.85
N ASP D 39 -29.10 -16.86 12.15
CA ASP D 39 -30.17 -16.02 12.64
C ASP D 39 -29.72 -14.54 12.50
N LEU D 40 -30.69 -13.65 12.43
CA LEU D 40 -30.42 -12.25 12.06
C LEU D 40 -30.98 -11.26 13.06
N ALA D 41 -30.10 -10.37 13.52
CA ALA D 41 -30.48 -9.17 14.23
C ALA D 41 -30.23 -7.99 13.28
N ILE D 42 -31.29 -7.34 12.86
CA ILE D 42 -31.20 -6.26 11.87
C ILE D 42 -31.40 -4.95 12.60
N THR D 43 -30.52 -3.98 12.38
CA THR D 43 -30.74 -2.61 12.85
C THR D 43 -30.94 -1.64 11.71
N ASP D 44 -31.68 -0.58 12.02
CA ASP D 44 -31.83 0.54 11.13
C ASP D 44 -32.50 1.65 11.93
N ARG D 45 -32.35 2.91 11.53
CA ARG D 45 -33.08 3.96 12.21
C ARG D 45 -34.57 3.93 11.89
N GLU D 46 -34.90 3.36 10.73
CA GLU D 46 -36.27 3.33 10.23
C GLU D 46 -36.78 1.87 10.16
N SER D 47 -38.02 1.65 10.54
CA SER D 47 -38.60 0.31 10.57
C SER D 47 -39.01 -0.11 9.18
N ASP D 48 -39.00 -1.42 8.91
CA ASP D 48 -39.69 -1.97 7.74
C ASP D 48 -40.06 -3.41 8.03
N GLU D 49 -41.21 -3.58 8.69
CA GLU D 49 -41.60 -4.91 9.14
C GLU D 49 -41.86 -5.85 7.97
N ALA D 50 -42.19 -5.31 6.80
CA ALA D 50 -42.36 -6.18 5.62
C ALA D 50 -41.09 -6.91 5.22
N VAL D 51 -39.97 -6.19 5.27
CA VAL D 51 -38.69 -6.79 4.94
C VAL D 51 -38.29 -7.84 5.99
N ILE D 52 -38.50 -7.55 7.26
CA ILE D 52 -38.22 -8.50 8.32
C ILE D 52 -39.05 -9.77 8.08
N HIS D 53 -40.35 -9.58 7.82
CA HIS D 53 -41.23 -10.71 7.53
C HIS D 53 -40.71 -11.58 6.39
N GLU D 54 -40.34 -10.93 5.29
CA GLU D 54 -39.81 -11.66 4.15
C GLU D 54 -38.51 -12.42 4.46
N LEU D 55 -37.65 -11.84 5.27
CA LEU D 55 -36.42 -12.54 5.64
C LEU D 55 -36.73 -13.84 6.39
N ARG D 56 -37.86 -13.89 7.09
CA ARG D 56 -38.19 -15.12 7.82
C ARG D 56 -38.50 -16.29 6.90
N GLY D 57 -38.78 -15.99 5.64
CA GLY D 57 -39.00 -17.01 4.64
C GLY D 57 -37.79 -17.87 4.35
N LEU D 58 -36.61 -17.40 4.77
CA LEU D 58 -35.39 -18.15 4.62
C LEU D 58 -35.17 -19.15 5.75
N GLY D 59 -36.05 -19.18 6.75
CA GLY D 59 -36.11 -20.28 7.74
C GLY D 59 -35.46 -20.03 9.09
N GLY D 60 -34.81 -18.89 9.26
CA GLY D 60 -34.13 -18.59 10.50
C GLY D 60 -34.90 -17.58 11.33
N LYS D 61 -34.41 -17.31 12.52
CA LYS D 61 -34.98 -16.27 13.36
C LYS D 61 -34.49 -14.92 12.83
N VAL D 62 -35.40 -13.97 12.81
CA VAL D 62 -35.10 -12.59 12.39
C VAL D 62 -35.76 -11.64 13.39
N ALA D 63 -34.99 -10.70 13.91
CA ALA D 63 -35.50 -9.66 14.78
C ALA D 63 -34.89 -8.32 14.41
N PHE D 64 -35.71 -7.27 14.59
CA PHE D 64 -35.33 -5.90 14.29
C PHE D 64 -35.12 -5.07 15.54
N PHE D 65 -34.12 -4.20 15.49
CA PHE D 65 -33.76 -3.33 16.59
C PHE D 65 -33.62 -1.92 16.03
N LYS D 66 -34.49 -1.01 16.45
CA LYS D 66 -34.43 0.34 15.94
C LYS D 66 -33.22 1.05 16.57
N SER D 67 -32.33 1.59 15.74
CA SER D 67 -31.07 2.13 16.22
C SER D 67 -30.57 3.15 15.20
N ASP D 68 -30.11 4.28 15.70
CA ASP D 68 -29.43 5.29 14.93
C ASP D 68 -27.95 5.09 15.18
N LEU D 69 -27.20 4.66 14.13
CA LEU D 69 -25.79 4.37 14.28
C LEU D 69 -25.00 5.53 14.91
N ALA D 70 -25.43 6.77 14.65
CA ALA D 70 -24.72 7.93 15.18
C ALA D 70 -24.96 8.17 16.67
N ALA D 71 -26.00 7.55 17.23
CA ALA D 71 -26.36 7.76 18.61
C ALA D 71 -25.63 6.81 19.53
N VAL D 72 -24.35 7.10 19.73
CA VAL D 72 -23.50 6.17 20.43
C VAL D 72 -23.92 5.91 21.88
N LYS D 73 -24.61 6.85 22.54
CA LYS D 73 -25.09 6.63 23.90
C LYS D 73 -26.14 5.54 23.98
N THR D 74 -26.70 5.16 22.85
CA THR D 74 -27.74 4.16 22.82
C THR D 74 -27.24 2.79 22.43
N HIS D 75 -25.96 2.68 22.03
CA HIS D 75 -25.46 1.40 21.53
C HIS D 75 -25.44 0.27 22.54
N GLU D 76 -25.04 0.53 23.78
CA GLU D 76 -24.99 -0.57 24.74
C GLU D 76 -26.38 -1.13 24.98
N ALA D 77 -27.39 -0.28 25.03
CA ALA D 77 -28.78 -0.73 25.17
C ALA D 77 -29.22 -1.59 23.99
N THR D 78 -28.85 -1.18 22.79
CA THR D 78 -29.19 -1.96 21.60
C THR D 78 -28.54 -3.34 21.66
N VAL D 79 -27.28 -3.38 22.01
CA VAL D 79 -26.58 -4.67 22.13
C VAL D 79 -27.20 -5.55 23.24
N PHE D 80 -27.55 -4.94 24.37
CA PHE D 80 -28.25 -5.67 25.45
C PHE D 80 -29.52 -6.28 24.91
N ALA D 81 -30.28 -5.53 24.11
CA ALA D 81 -31.52 -6.08 23.53
C ALA D 81 -31.26 -7.25 22.60
N VAL D 82 -30.19 -7.14 21.80
CA VAL D 82 -29.85 -8.23 20.91
C VAL D 82 -29.49 -9.47 21.73
N LEU D 83 -28.70 -9.31 22.78
CA LEU D 83 -28.37 -10.41 23.65
C LEU D 83 -29.63 -10.98 24.32
N ASP D 84 -30.56 -10.13 24.71
CA ASP D 84 -31.78 -10.65 25.35
C ASP D 84 -32.53 -11.56 24.36
N ALA D 85 -32.53 -11.19 23.08
CA ALA D 85 -33.27 -11.95 22.09
C ALA D 85 -32.57 -13.23 21.64
N PHE D 86 -31.25 -13.19 21.55
CA PHE D 86 -30.48 -14.26 20.93
C PHE D 86 -29.44 -14.96 21.81
N GLY D 87 -29.07 -14.37 22.93
CA GLY D 87 -28.11 -14.95 23.84
C GLY D 87 -26.66 -14.64 23.55
N GLY D 88 -26.35 -14.24 22.31
CA GLY D 88 -24.98 -13.88 21.95
C GLY D 88 -24.96 -13.43 20.50
N ILE D 89 -23.81 -12.89 20.09
CA ILE D 89 -23.59 -12.40 18.75
C ILE D 89 -22.32 -13.09 18.21
N ASP D 90 -22.45 -13.71 17.05
CA ASP D 90 -21.33 -14.42 16.44
C ASP D 90 -20.69 -13.61 15.34
N CYS D 91 -21.49 -12.86 14.59
CA CYS D 91 -20.99 -12.07 13.45
C CYS D 91 -21.60 -10.67 13.50
N LEU D 92 -20.74 -9.65 13.47
CA LEU D 92 -21.21 -8.27 13.30
C LEU D 92 -20.85 -7.85 11.88
N VAL D 93 -21.82 -7.35 11.14
CA VAL D 93 -21.55 -6.73 9.85
C VAL D 93 -21.83 -5.24 10.00
N ASN D 94 -20.78 -4.43 9.92
CA ASN D 94 -20.91 -2.99 9.97
C ASN D 94 -21.18 -2.48 8.55
N ASN D 95 -22.46 -2.41 8.21
CA ASN D 95 -22.87 -1.99 6.89
C ASN D 95 -23.45 -0.59 6.87
N ALA D 96 -24.10 -0.18 7.96
CA ALA D 96 -24.81 1.09 7.94
C ALA D 96 -23.85 2.24 7.64
N GLY D 97 -24.34 3.21 6.92
CA GLY D 97 -23.52 4.36 6.52
C GLY D 97 -24.30 5.26 5.60
N MET D 98 -23.64 6.34 5.15
CA MET D 98 -24.29 7.29 4.28
C MET D 98 -23.26 7.86 3.32
N GLY D 99 -23.74 8.37 2.20
CA GLY D 99 -22.90 9.20 1.33
C GLY D 99 -22.85 10.66 1.78
N ALA D 100 -21.92 11.40 1.18
CA ALA D 100 -21.80 12.83 1.47
C ALA D 100 -23.11 13.55 1.31
N VAL D 101 -23.37 14.49 2.20
CA VAL D 101 -24.61 15.26 2.17
C VAL D 101 -24.65 16.09 0.90
N GLU D 102 -23.53 16.72 0.56
CA GLU D 102 -23.40 17.50 -0.67
C GLU D 102 -22.10 17.10 -1.33
N ARG D 103 -22.09 16.99 -2.65
CA ARG D 103 -20.87 16.76 -3.41
C ARG D 103 -20.50 18.06 -4.09
N GLY D 104 -19.22 18.39 -4.10
CA GLY D 104 -18.81 19.63 -4.73
C GLY D 104 -17.40 19.98 -4.41
N ASP D 105 -16.96 21.16 -4.86
CA ASP D 105 -15.59 21.58 -4.61
C ASP D 105 -15.28 21.50 -3.10
N PHE D 106 -14.12 20.94 -2.78
CA PHE D 106 -13.61 20.90 -1.41
C PHE D 106 -13.63 22.29 -0.77
N LEU D 107 -13.42 23.33 -1.57
CA LEU D 107 -13.43 24.70 -1.05
C LEU D 107 -14.75 25.11 -0.46
N ALA D 108 -15.83 24.43 -0.87
CA ALA D 108 -17.19 24.68 -0.39
C ALA D 108 -17.69 23.70 0.67
N LEU D 109 -16.88 22.72 1.04
CA LEU D 109 -17.26 21.73 2.03
C LEU D 109 -17.62 22.40 3.36
N LYS D 110 -18.77 22.04 3.90
CA LYS D 110 -19.24 22.61 5.16
C LYS D 110 -18.89 21.75 6.34
N PRO D 111 -18.37 22.33 7.43
CA PRO D 111 -18.06 21.51 8.61
C PRO D 111 -19.27 20.71 9.11
N GLU D 112 -20.45 21.32 9.06
CA GLU D 112 -21.67 20.67 9.52
C GLU D 112 -21.90 19.35 8.75
N ASN D 113 -21.63 19.36 7.45
CA ASN D 113 -21.84 18.16 6.66
C ASN D 113 -20.74 17.12 6.93
N PHE D 114 -19.50 17.58 7.03
CA PHE D 114 -18.36 16.71 7.45
C PHE D 114 -18.75 16.03 8.78
N ASP D 115 -19.33 16.78 9.71
CA ASP D 115 -19.62 16.23 11.03
C ASP D 115 -20.69 15.16 10.93
N THR D 116 -21.73 15.43 10.11
CA THR D 116 -22.79 14.45 9.95
C THR D 116 -22.28 13.11 9.48
N ILE D 117 -21.46 13.12 8.44
CA ILE D 117 -20.97 11.88 7.88
C ILE D 117 -19.92 11.21 8.76
N MET D 118 -19.04 11.99 9.39
CA MET D 118 -18.09 11.41 10.29
CA MET D 118 -18.08 11.44 10.35
C MET D 118 -18.82 10.76 11.50
N ASP D 119 -19.88 11.41 12.00
CA ASP D 119 -20.62 10.88 13.13
C ASP D 119 -21.28 9.53 12.83
N VAL D 120 -21.77 9.37 11.60
CA VAL D 120 -22.41 8.13 11.17
C VAL D 120 -21.37 7.11 10.79
N ASN D 121 -20.61 7.38 9.72
CA ASN D 121 -19.80 6.34 9.11
C ASN D 121 -18.65 5.89 9.98
N LEU D 122 -18.03 6.84 10.69
CA LEU D 122 -16.79 6.56 11.39
C LEU D 122 -17.04 6.42 12.89
N ARG D 123 -17.41 7.51 13.55
CA ARG D 123 -17.64 7.53 14.98
C ARG D 123 -18.72 6.50 15.37
N GLY D 124 -19.84 6.54 14.68
CA GLY D 124 -20.93 5.59 15.00
C GLY D 124 -20.46 4.15 14.87
N THR D 125 -19.82 3.81 13.76
CA THR D 125 -19.36 2.46 13.56
C THR D 125 -18.37 2.03 14.62
N VAL D 126 -17.41 2.89 14.92
CA VAL D 126 -16.38 2.54 15.92
C VAL D 126 -17.04 2.18 17.28
N PHE D 127 -17.95 3.01 17.74
CA PHE D 127 -18.53 2.79 19.05
C PHE D 127 -19.62 1.73 19.06
N PHE D 128 -20.30 1.52 17.93
CA PHE D 128 -21.23 0.40 17.87
C PHE D 128 -20.42 -0.90 17.96
N THR D 129 -19.29 -0.93 17.24
CA THR D 129 -18.40 -2.09 17.29
C THR D 129 -17.88 -2.33 18.72
N GLN D 130 -17.48 -1.26 19.40
CA GLN D 130 -17.03 -1.38 20.79
C GLN D 130 -18.06 -2.08 21.64
N ALA D 131 -19.32 -1.68 21.50
CA ALA D 131 -20.37 -2.28 22.29
C ALA D 131 -20.55 -3.76 22.00
N VAL D 132 -20.52 -4.13 20.72
CA VAL D 132 -20.66 -5.53 20.32
C VAL D 132 -19.46 -6.32 20.80
N VAL D 133 -18.27 -5.77 20.68
CA VAL D 133 -17.08 -6.48 21.12
C VAL D 133 -17.07 -6.78 22.63
N LYS D 134 -17.57 -5.84 23.43
CA LYS D 134 -17.70 -6.11 24.87
C LYS D 134 -18.54 -7.36 25.11
N ALA D 135 -19.63 -7.48 24.38
CA ALA D 135 -20.50 -8.64 24.48
C ALA D 135 -19.81 -9.91 24.01
N MET D 136 -19.11 -9.83 22.87
CA MET D 136 -18.41 -11.01 22.33
CA MET D 136 -18.46 -11.02 22.33
C MET D 136 -17.38 -11.52 23.28
N LEU D 137 -16.60 -10.61 23.85
CA LEU D 137 -15.52 -11.00 24.77
C LEU D 137 -16.03 -11.52 26.11
N ALA D 138 -17.27 -11.22 26.44
CA ALA D 138 -17.89 -11.72 27.67
C ALA D 138 -18.62 -13.04 27.46
N ALA D 139 -18.62 -13.56 26.23
CA ALA D 139 -19.45 -14.73 25.95
C ALA D 139 -18.93 -15.91 26.79
N ASP D 140 -19.84 -16.70 27.32
CA ASP D 140 -19.47 -17.87 28.14
C ASP D 140 -19.39 -19.13 27.28
N GLU D 141 -19.86 -19.04 26.05
CA GLU D 141 -19.82 -20.14 25.12
C GLU D 141 -19.40 -19.60 23.75
N VAL D 142 -18.55 -20.35 23.05
CA VAL D 142 -18.16 -20.00 21.67
C VAL D 142 -18.25 -21.26 20.83
N ARG D 143 -19.43 -21.55 20.31
CA ARG D 143 -19.67 -22.76 19.50
C ARG D 143 -19.59 -22.53 18.00
N PHE D 144 -19.50 -21.26 17.57
CA PHE D 144 -19.56 -20.91 16.16
C PHE D 144 -18.39 -20.03 15.80
N PRO D 145 -18.02 -20.00 14.51
CA PRO D 145 -17.03 -19.07 14.03
C PRO D 145 -17.51 -17.65 14.30
N ARG D 146 -16.61 -16.76 14.68
CA ARG D 146 -16.98 -15.38 14.95
C ARG D 146 -16.22 -14.44 14.04
N SER D 147 -16.88 -13.35 13.68
CA SER D 147 -16.28 -12.39 12.76
C SER D 147 -16.90 -11.01 12.93
N ILE D 148 -16.13 -10.01 12.53
CA ILE D 148 -16.61 -8.62 12.42
C ILE D 148 -16.20 -8.20 11.02
N VAL D 149 -17.20 -7.97 10.16
CA VAL D 149 -16.94 -7.61 8.75
C VAL D 149 -17.42 -6.18 8.58
N THR D 150 -16.49 -5.28 8.23
CA THR D 150 -16.81 -3.88 8.09
C THR D 150 -16.88 -3.52 6.63
N ILE D 151 -18.01 -2.93 6.22
CA ILE D 151 -18.23 -2.57 4.84
C ILE D 151 -17.83 -1.12 4.73
N SER D 152 -16.69 -0.88 4.08
CA SER D 152 -16.21 0.51 3.92
C SER D 152 -16.61 1.00 2.52
N SER D 153 -15.65 1.06 1.61
CA SER D 153 -15.81 1.53 0.25
C SER D 153 -14.49 1.48 -0.45
N VAL D 154 -14.51 1.40 -1.77
CA VAL D 154 -13.29 1.69 -2.53
C VAL D 154 -12.76 3.10 -2.20
N SER D 155 -13.64 4.01 -1.81
CA SER D 155 -13.23 5.36 -1.45
C SER D 155 -12.32 5.39 -0.25
N SER D 156 -12.17 4.28 0.48
CA SER D 156 -11.13 4.20 1.52
C SER D 156 -9.74 4.37 0.96
N VAL D 157 -9.56 3.94 -0.28
CA VAL D 157 -8.23 3.94 -0.91
C VAL D 157 -8.17 4.67 -2.26
N MET D 158 -9.31 5.09 -2.80
CA MET D 158 -9.36 5.88 -4.05
C MET D 158 -9.99 7.22 -3.68
N THR D 159 -9.32 8.30 -3.98
CA THR D 159 -9.85 9.62 -3.57
C THR D 159 -10.80 10.21 -4.60
N SER D 160 -11.79 10.97 -4.14
CA SER D 160 -12.73 11.69 -4.99
C SER D 160 -12.77 13.10 -4.39
N PRO D 161 -12.09 14.05 -5.04
CA PRO D 161 -12.00 15.39 -4.45
C PRO D 161 -13.31 16.12 -4.21
N GLU D 162 -14.39 15.71 -4.90
CA GLU D 162 -15.71 16.32 -4.72
C GLU D 162 -16.49 15.80 -3.50
N ARG D 163 -15.93 14.84 -2.78
CA ARG D 163 -16.55 14.26 -1.62
C ARG D 163 -15.51 13.72 -0.64
N LEU D 164 -14.59 14.60 -0.27
CA LEU D 164 -13.53 14.18 0.63
C LEU D 164 -13.98 13.83 2.02
N ASP D 165 -15.13 14.36 2.47
CA ASP D 165 -15.68 13.96 3.75
C ASP D 165 -16.02 12.46 3.73
N TYR D 166 -16.63 12.02 2.65
CA TYR D 166 -16.95 10.59 2.49
C TYR D 166 -15.67 9.76 2.50
N CYS D 167 -14.70 10.16 1.66
CA CYS D 167 -13.45 9.40 1.57
C CYS D 167 -12.73 9.29 2.91
N ILE D 168 -12.64 10.42 3.62
CA ILE D 168 -11.97 10.45 4.92
C ILE D 168 -12.67 9.52 5.92
N SER D 169 -13.99 9.54 5.95
CA SER D 169 -14.75 8.69 6.86
C SER D 169 -14.47 7.22 6.60
N LYS D 170 -14.36 6.84 5.33
CA LYS D 170 -14.10 5.45 4.99
C LYS D 170 -12.65 5.04 5.20
N ALA D 171 -11.70 5.96 4.93
CA ALA D 171 -10.32 5.66 5.25
C ALA D 171 -10.07 5.47 6.73
N GLY D 172 -10.82 6.23 7.53
CA GLY D 172 -10.75 6.05 8.97
C GLY D 172 -11.17 4.65 9.36
N LEU D 173 -12.17 4.09 8.67
CA LEU D 173 -12.58 2.71 8.93
C LEU D 173 -11.51 1.72 8.58
N THR D 174 -10.80 1.94 7.49
CA THR D 174 -9.72 1.05 7.12
C THR D 174 -8.69 0.92 8.26
N ALA D 175 -8.30 2.07 8.83
CA ALA D 175 -7.34 2.05 9.92
C ALA D 175 -7.93 1.38 11.16
N PHE D 176 -9.18 1.68 11.45
CA PHE D 176 -9.89 1.05 12.57
C PHE D 176 -9.85 -0.50 12.46
N VAL D 177 -10.17 -1.02 11.28
CA VAL D 177 -10.23 -2.46 11.09
C VAL D 177 -8.88 -3.11 11.37
N GLN D 178 -7.78 -2.48 10.94
CA GLN D 178 -6.48 -3.06 11.21
C GLN D 178 -6.21 -3.21 12.71
N GLY D 179 -6.51 -2.16 13.48
CA GLY D 179 -6.31 -2.20 14.92
C GLY D 179 -7.22 -3.20 15.61
N LEU D 180 -8.47 -3.22 15.18
CA LEU D 180 -9.48 -4.13 15.72
C LEU D 180 -9.06 -5.59 15.48
N ALA D 181 -8.52 -5.87 14.29
CA ALA D 181 -8.06 -7.22 13.98
C ALA D 181 -7.00 -7.64 14.99
N LEU D 182 -6.02 -6.76 15.29
CA LEU D 182 -5.03 -7.09 16.33
C LEU D 182 -5.67 -7.31 17.70
N ARG D 183 -6.60 -6.45 18.08
CA ARG D 183 -7.22 -6.54 19.40
C ARG D 183 -7.94 -7.87 19.58
N LEU D 184 -8.52 -8.42 18.50
CA LEU D 184 -9.39 -9.57 18.63
C LEU D 184 -8.76 -10.87 18.14
N ALA D 185 -7.51 -10.82 17.74
CA ALA D 185 -6.87 -11.98 17.16
C ALA D 185 -6.74 -13.14 18.14
N GLU D 186 -6.36 -12.85 19.38
CA GLU D 186 -6.25 -13.91 20.37
C GLU D 186 -7.59 -14.57 20.65
N ALA D 187 -8.66 -13.78 20.62
CA ALA D 187 -10.01 -14.26 20.81
C ALA D 187 -10.57 -15.01 19.58
N ARG D 188 -9.79 -15.06 18.50
CA ARG D 188 -10.18 -15.80 17.28
C ARG D 188 -11.50 -15.30 16.72
N ILE D 189 -11.61 -13.99 16.66
CA ILE D 189 -12.69 -13.31 15.98
C ILE D 189 -12.08 -12.73 14.71
N GLY D 190 -12.53 -13.22 13.56
CA GLY D 190 -11.96 -12.81 12.26
C GLY D 190 -12.43 -11.42 11.92
N VAL D 191 -11.50 -10.50 11.61
CA VAL D 191 -11.85 -9.11 11.40
C VAL D 191 -11.44 -8.73 10.00
N PHE D 192 -12.40 -8.25 9.21
CA PHE D 192 -12.20 -8.07 7.76
C PHE D 192 -12.78 -6.76 7.30
N GLU D 193 -12.25 -6.24 6.20
CA GLU D 193 -12.80 -5.07 5.54
C GLU D 193 -13.25 -5.47 4.14
N VAL D 194 -14.46 -5.07 3.76
CA VAL D 194 -14.96 -5.27 2.41
C VAL D 194 -15.23 -3.91 1.81
N ARG D 195 -14.67 -3.68 0.63
CA ARG D 195 -14.74 -2.36 -0.04
C ARG D 195 -15.62 -2.42 -1.30
N PRO D 196 -16.90 -2.10 -1.17
CA PRO D 196 -17.73 -2.14 -2.37
C PRO D 196 -17.35 -1.04 -3.37
N GLY D 197 -17.48 -1.37 -4.63
CA GLY D 197 -17.32 -0.43 -5.74
C GLY D 197 -18.64 0.16 -6.15
N ILE D 198 -18.97 0.04 -7.44
CA ILE D 198 -20.17 0.62 -8.00
C ILE D 198 -21.24 -0.45 -8.00
N ILE D 199 -22.11 -0.38 -6.98
CA ILE D 199 -23.14 -1.38 -6.76
C ILE D 199 -24.52 -0.78 -7.07
N ARG D 200 -25.38 -1.60 -7.64
CA ARG D 200 -26.72 -1.18 -8.07
C ARG D 200 -27.61 -1.10 -6.81
N THR D 201 -27.88 0.12 -6.36
CA THR D 201 -28.79 0.38 -5.23
C THR D 201 -29.77 1.49 -5.57
N ALA D 209 -27.13 6.68 -13.56
CA ALA D 209 -27.40 6.97 -14.97
C ALA D 209 -26.10 7.20 -15.75
N ARG D 210 -25.26 8.11 -15.24
CA ARG D 210 -23.90 8.28 -15.73
C ARG D 210 -23.15 6.96 -15.56
N TYR D 211 -23.25 6.38 -14.36
CA TYR D 211 -22.50 5.15 -13.99
C TYR D 211 -22.69 4.01 -14.99
N ASP D 212 -23.90 3.82 -15.48
CA ASP D 212 -24.18 2.74 -16.42
C ASP D 212 -23.33 2.88 -17.70
N ALA D 213 -23.08 4.12 -18.12
CA ALA D 213 -22.26 4.41 -19.29
C ALA D 213 -20.77 4.21 -19.00
N LEU D 214 -20.33 4.68 -17.83
CA LEU D 214 -18.95 4.51 -17.38
C LEU D 214 -18.57 3.01 -17.28
N ILE D 215 -19.50 2.20 -16.79
CA ILE D 215 -19.28 0.77 -16.62
C ILE D 215 -19.08 0.12 -17.99
N GLU D 216 -19.95 0.50 -18.92
CA GLU D 216 -19.82 0.11 -20.33
C GLU D 216 -18.48 0.51 -20.92
N GLY D 217 -18.10 1.76 -20.67
CA GLY D 217 -16.82 2.30 -21.14
C GLY D 217 -15.57 1.73 -20.51
N GLY D 218 -15.69 0.74 -19.63
CA GLY D 218 -14.54 0.03 -19.09
C GLY D 218 -13.95 0.54 -17.78
N LEU D 219 -14.60 1.54 -17.16
CA LEU D 219 -14.17 2.02 -15.85
C LEU D 219 -14.03 0.84 -14.87
N VAL D 220 -15.02 -0.04 -14.92
CA VAL D 220 -15.00 -1.26 -14.11
C VAL D 220 -14.50 -2.38 -15.03
N PRO D 221 -13.34 -2.98 -14.72
CA PRO D 221 -12.77 -3.97 -15.64
C PRO D 221 -13.74 -5.11 -15.96
N MET D 222 -14.53 -5.56 -14.97
N MET D 222 -14.53 -5.56 -14.98
CA MET D 222 -15.47 -6.67 -15.21
CA MET D 222 -15.48 -6.65 -15.24
C MET D 222 -16.71 -6.24 -16.04
C MET D 222 -16.72 -6.24 -16.06
N LYS D 223 -16.88 -4.94 -16.29
CA LYS D 223 -17.92 -4.38 -17.18
C LYS D 223 -19.33 -4.77 -16.80
N ARG D 224 -19.62 -4.78 -15.50
CA ARG D 224 -20.97 -4.92 -15.00
C ARG D 224 -21.13 -4.18 -13.70
N TRP D 225 -22.37 -3.81 -13.42
CA TRP D 225 -22.75 -3.39 -12.09
C TRP D 225 -22.49 -4.49 -11.10
N GLY D 226 -22.05 -4.09 -9.91
CA GLY D 226 -22.06 -5.00 -8.78
C GLY D 226 -23.50 -5.06 -8.27
N GLU D 227 -23.83 -6.16 -7.62
CA GLU D 227 -25.14 -6.37 -6.99
C GLU D 227 -24.94 -6.50 -5.50
N ALA D 228 -26.00 -6.20 -4.74
CA ALA D 228 -25.98 -6.45 -3.32
C ALA D 228 -25.64 -7.93 -3.03
N SER D 229 -26.09 -8.84 -3.90
CA SER D 229 -25.76 -10.24 -3.70
C SER D 229 -24.28 -10.58 -3.86
N ASP D 230 -23.54 -9.81 -4.65
CA ASP D 230 -22.08 -9.98 -4.72
C ASP D 230 -21.47 -9.70 -3.36
N VAL D 231 -21.84 -8.57 -2.78
CA VAL D 231 -21.30 -8.23 -1.49
C VAL D 231 -21.78 -9.25 -0.47
N GLY D 232 -23.04 -9.64 -0.52
CA GLY D 232 -23.54 -10.63 0.42
C GLY D 232 -22.82 -11.97 0.37
N ALA D 233 -22.54 -12.45 -0.84
CA ALA D 233 -21.84 -13.71 -0.99
C ALA D 233 -20.42 -13.67 -0.36
N ILE D 234 -19.74 -12.55 -0.58
CA ILE D 234 -18.42 -12.31 -0.03
C ILE D 234 -18.45 -12.30 1.52
N VAL D 235 -19.40 -11.55 2.07
CA VAL D 235 -19.53 -11.45 3.49
C VAL D 235 -19.89 -12.80 4.13
N ALA D 236 -20.79 -13.56 3.50
CA ALA D 236 -21.15 -14.86 4.02
C ALA D 236 -19.98 -15.83 4.00
N GLY D 237 -19.14 -15.71 2.98
CA GLY D 237 -17.90 -16.48 2.93
C GLY D 237 -17.01 -16.15 4.09
N LEU D 238 -16.84 -14.86 4.36
CA LEU D 238 -15.99 -14.48 5.47
C LEU D 238 -16.55 -14.87 6.82
N ALA D 239 -17.88 -14.85 6.95
CA ALA D 239 -18.54 -15.14 8.22
C ALA D 239 -18.58 -16.64 8.55
N GLY D 240 -18.33 -17.48 7.56
CA GLY D 240 -18.46 -18.92 7.78
C GLY D 240 -17.35 -19.58 8.56
N GLY D 241 -16.23 -18.87 8.79
CA GLY D 241 -15.14 -19.40 9.60
C GLY D 241 -13.91 -19.81 8.82
N ASP D 242 -14.04 -20.01 7.51
CA ASP D 242 -12.89 -20.53 6.78
C ASP D 242 -11.77 -19.53 6.61
N PHE D 243 -12.06 -18.24 6.83
CA PHE D 243 -11.08 -17.17 6.63
C PHE D 243 -10.52 -16.66 7.97
N ILE D 244 -10.72 -17.42 9.06
CA ILE D 244 -10.28 -16.94 10.38
C ILE D 244 -8.77 -16.56 10.40
N PHE D 245 -7.94 -17.37 9.75
CA PHE D 245 -6.50 -17.12 9.74
C PHE D 245 -6.11 -15.99 8.80
N ALA D 246 -7.08 -15.45 8.07
CA ALA D 246 -6.88 -14.27 7.19
C ALA D 246 -7.34 -12.94 7.84
N THR D 247 -7.49 -12.96 9.16
CA THR D 247 -7.88 -11.78 9.86
C THR D 247 -6.98 -10.60 9.47
N GLY D 248 -7.61 -9.45 9.33
CA GLY D 248 -6.95 -8.24 8.88
C GLY D 248 -7.00 -8.01 7.37
N SER D 249 -7.48 -8.98 6.62
CA SER D 249 -7.54 -8.85 5.16
C SER D 249 -8.61 -7.87 4.73
N ALA D 250 -8.33 -7.23 3.59
CA ALA D 250 -9.32 -6.37 2.91
C ALA D 250 -9.65 -6.95 1.55
N ILE D 251 -10.93 -7.03 1.26
CA ILE D 251 -11.45 -7.64 0.01
C ILE D 251 -12.13 -6.50 -0.73
N HIS D 252 -11.79 -6.24 -1.99
N HIS D 252 -11.78 -6.36 -1.99
CA HIS D 252 -12.47 -5.16 -2.74
CA HIS D 252 -12.44 -5.46 -2.84
C HIS D 252 -13.54 -5.78 -3.68
C HIS D 252 -13.74 -6.18 -3.23
N ALA D 253 -14.80 -5.44 -3.42
CA ALA D 253 -15.97 -6.00 -4.06
C ALA D 253 -16.43 -5.01 -5.13
N ASP D 254 -15.63 -4.94 -6.20
CA ASP D 254 -15.70 -3.81 -7.13
C ASP D 254 -15.43 -4.15 -8.56
N GLY D 255 -15.40 -5.43 -8.91
CA GLY D 255 -15.19 -5.79 -10.30
C GLY D 255 -13.84 -5.38 -10.87
N GLY D 256 -12.88 -5.14 -9.98
CA GLY D 256 -11.52 -4.70 -10.34
C GLY D 256 -11.33 -3.19 -10.42
N LEU D 257 -12.34 -2.41 -10.05
CA LEU D 257 -12.26 -0.93 -10.13
C LEU D 257 -11.02 -0.36 -9.45
N SER D 258 -10.68 -0.87 -8.27
CA SER D 258 -9.57 -0.30 -7.48
C SER D 258 -8.21 -0.84 -7.85
N ILE D 259 -8.12 -1.70 -8.85
CA ILE D 259 -6.79 -2.14 -9.34
C ILE D 259 -6.13 -0.91 -9.98
N ALA D 260 -4.92 -0.58 -9.55
CA ALA D 260 -4.24 0.62 -10.02
C ALA D 260 -3.66 0.31 -11.37
N LYS D 261 -4.14 1.01 -12.39
CA LYS D 261 -3.90 0.66 -13.79
C LYS D 261 -3.36 1.88 -14.48
N LEU D 262 -2.44 1.67 -15.43
CA LEU D 262 -1.97 2.76 -16.28
C LEU D 262 -2.08 2.31 -17.73
CL CL E . 7.55 -0.44 -21.44
C1 MPD F . -4.30 -24.11 -28.21
C2 MPD F . -4.40 -23.30 -26.91
O2 MPD F . -3.35 -22.33 -26.88
CM MPD F . -5.74 -22.59 -26.90
C3 MPD F . -4.30 -24.22 -25.69
C4 MPD F . -2.95 -24.97 -25.61
O4 MPD F . -1.80 -24.09 -25.70
C5 MPD F . -2.85 -25.82 -24.34
C1 MPD G . -10.03 -23.29 8.09
C2 MPD G . -10.44 -24.00 9.36
O2 MPD G . -11.55 -23.25 9.89
CM MPD G . -10.97 -25.40 9.05
C3 MPD G . -9.33 -23.96 10.42
C4 MPD G . -8.42 -25.20 10.55
O4 MPD G . -8.08 -25.75 9.28
C5 MPD G . -7.12 -24.87 11.30
CL CL H . 13.18 -18.27 2.28
C1 MPD I . -10.17 34.54 -0.99
C2 MPD I . -10.82 34.63 0.38
O2 MPD I . -11.47 35.91 0.50
CM MPD I . -11.88 33.54 0.51
C3 MPD I . -9.74 34.51 1.46
C4 MPD I . -10.27 34.65 2.88
O4 MPD I . -11.27 33.66 3.12
C5 MPD I . -9.20 34.51 3.97
CL CL J . -0.89 8.94 21.13
CL CL K . -20.71 10.20 -1.53
#